data_8Z1G
#
_entry.id   8Z1G
#
_cell.length_a   1.00
_cell.length_b   1.00
_cell.length_c   1.00
_cell.angle_alpha   90.00
_cell.angle_beta   90.00
_cell.angle_gamma   90.00
#
_symmetry.space_group_name_H-M   'P 1'
#
loop_
_entity.id
_entity.type
_entity.pdbx_description
1 polymer 'Homo sapiens mitochondrion pre-tRNA-Tyr'
2 polymer 'Zinc phosphodiesterase ELAC protein 2'
3 non-polymer 'ZINC ION'
4 non-polymer 'PHOSPHATE ION'
#
loop_
_entity_poly.entity_id
_entity_poly.type
_entity_poly.pdbx_seq_one_letter_code
_entity_poly.pdbx_strand_id
1 'polyribonucleotide'
;GGUAAAAUGGCUGAGUGAAGCAUUGGACUGUAAAUCUAAAGACAGGGGUUAGGCCUCUUUUUACCAGCUCCGAGGUGAUU
UUCAUA
;
T
2 'polypeptide(L)'
;MWALCSLLRSAAGRTMSQGRTISQAPARRERPRKDPLRHLRTREKRGPSGCSGGPNTVYLQVVAAGSRDSGAALYVFSEF
NRYLFNCGEGVQRLMQEHKLKVARLDNIFLTRMHWSNVGGLSGMILTLKETGLPKCVLSGPPQLEKYLEAIKIFSGPLKG
IELAVRPHSAPEYEDETMTVYQIPIHSEQRRGKHQPWQSPERPLSRLSPERSSDSESNENEPHLPHGVSQRRGVRDSSLV
VAFICKLHLKRGNFLVLKAKEMGLPVGTAAIAPIIAAVKDGKSITHEGREILAEELCTPPDPGAAFVVVECPDESFIQPI
CENATFQRYQGKADAPVALVVHMAPASVLVDSRYQQWMERFGPDTQHLVLNENCASVHNLRSHKIQTQLNLIHPDIFPLL
TSFRCKKEGPTLSVPMVQGECLLKYQLRPRREWQRDAIITCNPEEFIVEALQLPNFQQSVQEYRRSAQDGPAPAEKRSQY
PEIIFLGTGSAIPMKIRNVSATLVNISPDTSLLLDCGEGTFGQLCRHYGDQVDRVLGTLAAVFVSHLHADHHTGLPSILL
QRERALASLGKPLHPLLVVAPNQLKAWLQQYHNQCQEVLHHISMIPAKCLQEGAEISSPAVERLISSLLRTCDLEEFQTC
LVRHCKHAFGCALVHTSGWKVVYSGDTMPCEALVRMGKDATLLIHEATLEDGLEEEAVEKTHSTTSQAISVGMRMNAEFI
MLNHFSQRYAKVPLFSPNFSEKVGVAFDHMKVCFGDFPTMPKLIPPLKALFAGDIEEMEERREKRELRQVRAALLSRELA
GGLEDGEPQQKRAHTEEPQAKKVRAQ
;
A
#
# COMPACT_ATOMS: atom_id res chain seq x y z
N SER B 52 36.69 -7.15 3.99
CA SER B 52 36.17 -5.84 4.47
C SER B 52 35.63 -5.94 5.90
N GLY B 53 35.56 -4.81 6.58
CA GLY B 53 35.07 -4.77 7.94
C GLY B 53 33.55 -4.76 8.01
N GLY B 54 33.04 -4.69 9.24
CA GLY B 54 31.63 -4.67 9.48
C GLY B 54 31.00 -3.36 9.06
N PRO B 55 29.67 -3.35 8.91
CA PRO B 55 28.99 -2.13 8.50
C PRO B 55 29.18 -1.01 9.52
N ASN B 56 29.28 0.22 9.02
CA ASN B 56 29.47 1.40 9.87
C ASN B 56 28.26 2.33 9.85
N THR B 57 27.18 1.96 9.17
CA THR B 57 25.98 2.79 9.08
C THR B 57 24.76 1.88 8.99
N VAL B 58 24.11 1.66 10.12
CA VAL B 58 22.89 0.85 10.17
C VAL B 58 21.77 1.69 10.78
N TYR B 59 20.65 1.78 10.08
CA TYR B 59 19.50 2.56 10.52
C TYR B 59 18.28 1.66 10.63
N LEU B 60 17.51 1.85 11.69
CA LEU B 60 16.24 1.17 11.88
C LEU B 60 15.10 2.18 11.76
N GLN B 61 14.24 1.97 10.78
CA GLN B 61 13.18 2.92 10.46
C GLN B 61 11.86 2.17 10.25
N VAL B 62 10.77 2.89 10.46
CA VAL B 62 9.42 2.36 10.31
C VAL B 62 8.73 3.09 9.16
N VAL B 63 8.19 2.33 8.21
CA VAL B 63 7.50 2.92 7.07
C VAL B 63 6.00 2.99 7.37
N ALA B 64 5.51 2.03 8.16
CA ALA B 64 4.11 2.01 8.57
C ALA B 64 4.04 2.03 10.08
N ALA B 65 3.19 2.89 10.63
CA ALA B 65 3.03 3.03 12.07
C ALA B 65 2.01 2.07 12.66
N GLY B 66 1.66 0.99 11.95
CA GLY B 66 0.67 0.07 12.47
C GLY B 66 -0.70 0.69 12.64
N SER B 67 -1.12 1.51 11.69
CA SER B 67 -2.42 2.17 11.78
C SER B 67 -3.52 1.20 11.36
N ARG B 68 -4.76 1.70 11.39
CA ARG B 68 -5.90 0.89 10.97
C ARG B 68 -5.80 0.52 9.50
N ASP B 69 -5.38 1.48 8.66
CA ASP B 69 -5.33 1.25 7.22
C ASP B 69 -4.32 0.16 6.87
N SER B 70 -3.14 0.21 7.48
CA SER B 70 -2.07 -0.73 7.17
C SER B 70 -1.38 -1.18 8.45
N GLY B 71 -0.87 -2.40 8.43
CA GLY B 71 -0.19 -2.96 9.58
C GLY B 71 1.21 -2.41 9.77
N ALA B 72 1.80 -2.74 10.91
CA ALA B 72 3.13 -2.26 11.22
C ALA B 72 4.15 -2.83 10.26
N ALA B 73 5.08 -1.99 9.81
CA ALA B 73 6.13 -2.41 8.89
C ALA B 73 7.44 -1.77 9.32
N LEU B 74 8.52 -2.54 9.22
CA LEU B 74 9.85 -2.07 9.59
C LEU B 74 10.69 -1.83 8.33
N TYR B 75 11.86 -1.22 8.53
CA TYR B 75 12.78 -0.96 7.43
C TYR B 75 14.18 -0.85 8.00
N VAL B 76 15.13 -1.55 7.39
CA VAL B 76 16.53 -1.55 7.83
C VAL B 76 17.38 -1.07 6.66
N PHE B 77 18.21 -0.06 6.91
CA PHE B 77 19.13 0.47 5.90
C PHE B 77 20.56 0.17 6.34
N SER B 78 21.30 -0.51 5.48
CA SER B 78 22.69 -0.86 5.76
C SER B 78 23.54 -0.60 4.52
N GLU B 79 24.83 -0.38 4.73
CA GLU B 79 25.73 -0.08 3.63
C GLU B 79 25.84 -1.22 2.63
N PHE B 80 25.51 -2.44 3.04
CA PHE B 80 25.66 -3.61 2.18
C PHE B 80 24.33 -4.26 1.81
N ASN B 81 23.33 -4.22 2.69
CA ASN B 81 22.06 -4.89 2.45
C ASN B 81 20.93 -4.07 3.06
N ARG B 82 19.71 -4.32 2.58
CA ARG B 82 18.52 -3.66 3.05
C ARG B 82 17.46 -4.70 3.38
N TYR B 83 16.63 -4.42 4.38
CA TYR B 83 15.58 -5.31 4.81
C TYR B 83 14.29 -4.52 5.02
N LEU B 84 13.15 -5.20 4.88
CA LEU B 84 11.85 -4.58 5.02
C LEU B 84 10.94 -5.25 6.04
N PHE B 85 11.23 -6.49 6.44
CA PHE B 85 10.40 -7.20 7.40
C PHE B 85 8.96 -7.24 6.90
N ASN B 86 7.98 -6.96 7.76
CA ASN B 86 6.58 -7.12 7.39
C ASN B 86 6.24 -6.24 6.19
N CYS B 87 5.50 -6.82 5.25
CA CYS B 87 5.08 -6.14 4.03
C CYS B 87 3.54 -6.11 4.01
N GLY B 88 2.97 -5.08 4.64
CA GLY B 88 1.53 -4.95 4.70
C GLY B 88 0.95 -4.27 3.47
N GLU B 89 -0.35 -4.01 3.55
CA GLU B 89 -1.06 -3.36 2.45
C GLU B 89 -0.68 -1.88 2.40
N GLY B 90 -0.32 -1.41 1.22
CA GLY B 90 0.03 -0.02 1.01
C GLY B 90 1.43 0.36 1.42
N VAL B 91 2.24 -0.59 1.90
CA VAL B 91 3.61 -0.26 2.31
C VAL B 91 4.44 0.14 1.12
N GLN B 92 4.19 -0.48 -0.04
CA GLN B 92 4.94 -0.12 -1.25
C GLN B 92 4.70 1.33 -1.64
N ARG B 93 3.43 1.76 -1.57
CA ARG B 93 3.12 3.15 -1.91
C ARG B 93 3.79 4.11 -0.94
N LEU B 94 3.78 3.77 0.36
CA LEU B 94 4.44 4.62 1.34
C LEU B 94 5.94 4.70 1.08
N MET B 95 6.56 3.56 0.76
CA MET B 95 7.99 3.56 0.46
C MET B 95 8.29 4.43 -0.75
N GLN B 96 7.45 4.33 -1.78
CA GLN B 96 7.63 5.19 -2.96
C GLN B 96 7.49 6.66 -2.58
N GLU B 97 6.51 6.98 -1.74
CA GLU B 97 6.32 8.37 -1.33
C GLU B 97 7.51 8.89 -0.53
N HIS B 98 8.06 8.04 0.36
CA HIS B 98 9.16 8.44 1.21
C HIS B 98 10.52 8.31 0.52
N LYS B 99 10.54 8.08 -0.79
CA LYS B 99 11.78 8.01 -1.56
C LYS B 99 12.55 6.72 -1.27
N LEU B 100 12.01 5.87 -0.38
CA LEU B 100 12.67 4.61 -0.08
C LEU B 100 12.75 3.75 -1.35
N LYS B 101 13.92 3.18 -1.59
CA LYS B 101 14.13 2.37 -2.78
C LYS B 101 13.31 1.09 -2.72
N VAL B 102 12.30 0.98 -3.59
CA VAL B 102 11.46 -0.21 -3.61
C VAL B 102 12.29 -1.44 -3.97
N ALA B 103 13.14 -1.29 -4.99
CA ALA B 103 14.02 -2.37 -5.40
C ALA B 103 15.23 -2.44 -4.47
N ARG B 104 16.18 -3.32 -4.82
CA ARG B 104 17.41 -3.54 -4.07
C ARG B 104 17.18 -4.21 -2.71
N LEU B 105 15.95 -4.61 -2.41
CA LEU B 105 15.65 -5.29 -1.16
C LEU B 105 16.22 -6.70 -1.20
N ASP B 106 16.89 -7.10 -0.12
CA ASP B 106 17.54 -8.41 -0.05
C ASP B 106 16.63 -9.48 0.55
N ASN B 107 16.06 -9.18 1.73
CA ASN B 107 15.24 -10.13 2.46
C ASN B 107 13.95 -9.47 2.91
N ILE B 108 12.88 -10.25 2.96
CA ILE B 108 11.58 -9.81 3.48
C ILE B 108 11.19 -10.83 4.54
N PHE B 109 11.02 -10.38 5.77
CA PHE B 109 10.73 -11.25 6.91
C PHE B 109 9.27 -11.09 7.31
N LEU B 110 8.56 -12.20 7.46
CA LEU B 110 7.16 -12.21 7.84
C LEU B 110 7.03 -12.81 9.23
N THR B 111 6.14 -12.23 10.05
CA THR B 111 6.00 -12.66 11.44
C THR B 111 4.68 -13.38 11.69
N ARG B 112 3.56 -12.74 11.34
CA ARG B 112 2.24 -13.25 11.71
C ARG B 112 1.51 -13.98 10.58
N MET B 113 1.86 -13.77 9.32
CA MET B 113 1.14 -14.37 8.21
C MET B 113 -0.33 -13.96 8.32
N HIS B 114 -0.59 -12.66 8.16
CA HIS B 114 -1.93 -12.11 8.23
C HIS B 114 -2.08 -11.07 7.13
N TRP B 115 -3.30 -10.90 6.65
CA TRP B 115 -3.52 -10.15 5.41
C TRP B 115 -2.93 -8.74 5.49
N SER B 116 -3.26 -8.00 6.56
CA SER B 116 -2.70 -6.65 6.70
C SER B 116 -1.18 -6.69 6.80
N ASN B 117 -0.61 -7.85 7.14
CA ASN B 117 0.83 -8.01 7.21
C ASN B 117 1.43 -8.57 5.92
N VAL B 118 0.62 -9.25 5.09
CA VAL B 118 1.08 -9.84 3.85
C VAL B 118 0.23 -9.44 2.65
N GLY B 119 -0.74 -8.54 2.83
CA GLY B 119 -1.59 -8.17 1.71
C GLY B 119 -0.82 -7.51 0.58
N GLY B 120 0.15 -6.66 0.92
CA GLY B 120 0.93 -5.95 -0.06
C GLY B 120 2.09 -6.73 -0.65
N LEU B 121 2.25 -8.00 -0.26
CA LEU B 121 3.38 -8.78 -0.77
C LEU B 121 3.29 -8.95 -2.28
N SER B 122 2.09 -9.16 -2.81
CA SER B 122 1.93 -9.33 -4.25
C SER B 122 2.38 -8.09 -5.01
N GLY B 123 2.00 -6.90 -4.51
CA GLY B 123 2.42 -5.68 -5.16
C GLY B 123 3.92 -5.49 -5.13
N MET B 124 4.55 -5.79 -3.99
CA MET B 124 5.99 -5.68 -3.89
C MET B 124 6.68 -6.64 -4.84
N ILE B 125 6.16 -7.87 -4.94
CA ILE B 125 6.75 -8.85 -5.85
C ILE B 125 6.63 -8.37 -7.29
N LEU B 126 5.46 -7.85 -7.66
CA LEU B 126 5.28 -7.33 -9.01
C LEU B 126 6.24 -6.18 -9.30
N THR B 127 6.37 -5.25 -8.36
CA THR B 127 7.26 -4.11 -8.55
C THR B 127 8.70 -4.57 -8.70
N LEU B 128 9.11 -5.55 -7.88
CA LEU B 128 10.46 -6.09 -8.00
C LEU B 128 10.67 -6.74 -9.37
N LYS B 129 9.65 -7.47 -9.85
CA LYS B 129 9.76 -8.11 -11.17
C LYS B 129 9.93 -7.06 -12.26
N GLU B 130 9.13 -5.99 -12.22
CA GLU B 130 9.26 -4.95 -13.23
C GLU B 130 10.61 -4.25 -13.14
N THR B 131 11.08 -3.98 -11.91
CA THR B 131 12.35 -3.29 -11.75
C THR B 131 13.53 -4.12 -12.28
N GLY B 132 13.37 -5.43 -12.39
CA GLY B 132 14.41 -6.28 -12.91
C GLY B 132 15.37 -6.83 -11.89
N LEU B 133 15.01 -6.83 -10.61
CA LEU B 133 15.90 -7.38 -9.59
C LEU B 133 16.15 -8.85 -9.88
N PRO B 134 17.41 -9.30 -9.90
CA PRO B 134 17.68 -10.70 -10.29
C PRO B 134 17.45 -11.70 -9.18
N LYS B 135 17.65 -11.29 -7.93
CA LYS B 135 17.57 -12.18 -6.79
C LYS B 135 16.72 -11.58 -5.69
N CYS B 136 15.96 -12.43 -5.00
CA CYS B 136 15.15 -12.01 -3.87
C CYS B 136 14.85 -13.24 -3.02
N VAL B 137 14.89 -13.06 -1.70
CA VAL B 137 14.70 -14.15 -0.75
C VAL B 137 13.58 -13.76 0.21
N LEU B 138 12.64 -14.67 0.42
CA LEU B 138 11.53 -14.48 1.35
C LEU B 138 11.63 -15.48 2.49
N SER B 139 11.32 -15.02 3.70
CA SER B 139 11.38 -15.87 4.89
C SER B 139 10.14 -15.61 5.73
N GLY B 140 9.77 -16.61 6.52
CA GLY B 140 8.60 -16.52 7.37
C GLY B 140 8.09 -17.87 7.78
N PRO B 141 6.79 -17.98 8.05
CA PRO B 141 6.21 -19.28 8.43
C PRO B 141 6.42 -20.32 7.34
N PRO B 142 6.50 -21.59 7.70
CA PRO B 142 6.79 -22.63 6.71
C PRO B 142 5.75 -22.75 5.60
N GLN B 143 4.54 -22.24 5.80
CA GLN B 143 3.48 -22.31 4.81
C GLN B 143 3.51 -21.13 3.84
N LEU B 144 4.60 -20.37 3.83
CA LEU B 144 4.67 -19.21 2.93
C LEU B 144 4.64 -19.62 1.47
N GLU B 145 5.31 -20.72 1.13
CA GLU B 145 5.36 -21.15 -0.27
C GLU B 145 3.96 -21.36 -0.83
N LYS B 146 3.03 -21.83 0.00
CA LYS B 146 1.66 -22.01 -0.47
C LYS B 146 1.04 -20.68 -0.88
N TYR B 147 1.27 -19.64 -0.07
CA TYR B 147 0.75 -18.32 -0.41
C TYR B 147 1.36 -17.81 -1.72
N LEU B 148 2.66 -18.02 -1.89
CA LEU B 148 3.33 -17.57 -3.11
C LEU B 148 2.79 -18.32 -4.33
N GLU B 149 2.49 -19.61 -4.17
CA GLU B 149 1.96 -20.38 -5.29
C GLU B 149 0.63 -19.80 -5.77
N ALA B 150 -0.25 -19.41 -4.84
CA ALA B 150 -1.52 -18.84 -5.22
C ALA B 150 -1.35 -17.53 -5.98
N ILE B 151 -0.27 -16.80 -5.71
CA ILE B 151 -0.03 -15.54 -6.41
C ILE B 151 0.16 -15.77 -7.89
N LYS B 152 0.89 -16.84 -8.25
CA LYS B 152 1.15 -17.14 -9.65
C LYS B 152 -0.12 -17.45 -10.43
N ILE B 153 -1.22 -17.77 -9.75
CA ILE B 153 -2.47 -18.08 -10.45
C ILE B 153 -2.93 -16.88 -11.26
N PHE B 154 -2.89 -15.69 -10.66
CA PHE B 154 -3.34 -14.46 -11.32
C PHE B 154 -2.21 -13.51 -11.67
N SER B 155 -1.12 -13.51 -10.89
CA SER B 155 0.00 -12.63 -11.18
C SER B 155 0.88 -13.12 -12.31
N GLY B 156 0.75 -14.39 -12.70
CA GLY B 156 1.54 -14.95 -13.77
C GLY B 156 2.89 -15.43 -13.29
N PRO B 157 3.65 -16.08 -14.18
CA PRO B 157 4.98 -16.56 -13.78
C PRO B 157 5.87 -15.42 -13.33
N LEU B 158 6.72 -15.70 -12.34
CA LEU B 158 7.65 -14.72 -11.81
C LEU B 158 8.98 -14.75 -12.56
N LYS B 159 8.91 -14.64 -13.88
CA LYS B 159 10.11 -14.67 -14.71
C LYS B 159 10.91 -13.38 -14.55
N GLY B 160 12.23 -13.51 -14.59
CA GLY B 160 13.14 -12.39 -14.49
C GLY B 160 13.66 -12.12 -13.09
N ILE B 161 13.03 -12.71 -12.07
CA ILE B 161 13.45 -12.54 -10.68
C ILE B 161 13.42 -13.89 -9.99
N GLU B 162 14.43 -14.17 -9.18
CA GLU B 162 14.54 -15.41 -8.44
C GLU B 162 14.00 -15.22 -7.03
N LEU B 163 13.01 -16.03 -6.66
CA LEU B 163 12.39 -15.97 -5.34
C LEU B 163 12.76 -17.23 -4.57
N ALA B 164 13.28 -17.05 -3.36
CA ALA B 164 13.68 -18.13 -2.49
C ALA B 164 12.85 -18.07 -1.21
N VAL B 165 12.29 -19.21 -0.81
CA VAL B 165 11.46 -19.31 0.39
C VAL B 165 12.27 -20.05 1.45
N ARG B 166 12.45 -19.41 2.61
CA ARG B 166 13.21 -19.99 3.70
C ARG B 166 12.26 -20.39 4.82
N PRO B 167 11.96 -21.67 5.01
CA PRO B 167 11.06 -22.06 6.10
C PRO B 167 11.73 -21.91 7.46
N HIS B 168 10.90 -21.97 8.51
CA HIS B 168 11.41 -21.85 9.87
C HIS B 168 12.39 -22.99 10.20
N SER B 169 12.29 -24.11 9.47
CA SER B 169 13.19 -25.23 9.75
C SER B 169 14.65 -24.86 9.50
N ALA B 170 14.90 -23.85 8.67
CA ALA B 170 16.27 -23.46 8.38
C ALA B 170 16.95 -22.98 9.66
N PRO B 171 18.23 -23.31 9.87
CA PRO B 171 18.91 -22.88 11.09
C PRO B 171 18.94 -21.37 11.25
N GLU B 172 19.49 -20.67 10.27
CA GLU B 172 19.60 -19.22 10.30
C GLU B 172 20.16 -18.76 8.97
N TYR B 173 20.09 -17.44 8.74
CA TYR B 173 20.58 -16.82 7.52
C TYR B 173 21.77 -15.93 7.85
N GLU B 174 22.88 -16.14 7.14
CA GLU B 174 24.12 -15.43 7.39
C GLU B 174 24.27 -14.27 6.40
N ASP B 175 24.97 -13.22 6.84
CA ASP B 175 25.23 -12.07 6.00
C ASP B 175 26.50 -11.39 6.49
N GLU B 176 27.08 -10.57 5.60
CA GLU B 176 28.28 -9.82 5.96
C GLU B 176 27.94 -8.63 6.87
N THR B 177 26.68 -8.24 6.92
CA THR B 177 26.27 -7.09 7.73
C THR B 177 25.74 -7.48 9.09
N MET B 178 25.04 -8.61 9.19
CA MET B 178 24.48 -9.05 10.45
C MET B 178 23.93 -10.46 10.30
N THR B 179 23.63 -11.09 11.43
CA THR B 179 23.08 -12.44 11.48
C THR B 179 21.65 -12.39 12.00
N VAL B 180 20.78 -13.21 11.41
CA VAL B 180 19.37 -13.24 11.75
C VAL B 180 19.02 -14.64 12.23
N TYR B 181 18.40 -14.73 13.41
CA TYR B 181 17.93 -15.99 13.94
C TYR B 181 16.43 -16.11 13.77
N GLN B 182 15.89 -17.26 14.16
CA GLN B 182 14.44 -17.50 14.10
C GLN B 182 14.08 -18.46 15.22
N ILE B 183 13.16 -18.05 16.08
CA ILE B 183 12.67 -18.88 17.19
C ILE B 183 11.16 -19.00 17.06
N PRO B 184 10.64 -20.10 16.49
CA PRO B 184 9.19 -20.22 16.36
C PRO B 184 8.50 -20.19 17.71
N ILE B 185 7.30 -19.59 17.73
CA ILE B 185 6.50 -19.46 18.94
C ILE B 185 5.11 -20.03 18.65
N HIS B 186 4.62 -20.86 19.56
CA HIS B 186 3.31 -21.49 19.43
C HIS B 186 2.43 -21.04 20.59
N SER B 187 1.20 -20.65 20.28
CA SER B 187 0.27 -20.20 21.29
C SER B 187 -0.35 -21.39 22.03
N GLU B 188 -0.88 -21.10 23.22
CA GLU B 188 -1.50 -22.14 24.03
C GLU B 188 -2.93 -22.45 23.59
N GLN B 189 -3.53 -21.59 22.78
CA GLN B 189 -4.90 -21.80 22.31
C GLN B 189 -4.90 -22.58 20.99
N ASP B 236 -2.05 -22.70 9.96
CA ASP B 236 -2.15 -22.37 11.37
C ASP B 236 -1.87 -20.88 11.59
N SER B 237 -2.85 -20.18 12.14
CA SER B 237 -2.73 -18.74 12.40
C SER B 237 -2.21 -18.44 13.80
N SER B 238 -1.87 -19.45 14.59
CA SER B 238 -1.37 -19.26 15.94
C SER B 238 0.15 -19.28 16.03
N LEU B 239 0.84 -19.26 14.89
CA LEU B 239 2.30 -19.33 14.87
C LEU B 239 2.90 -17.96 14.56
N VAL B 240 3.76 -17.48 15.46
CA VAL B 240 4.50 -16.24 15.28
C VAL B 240 5.97 -16.53 15.51
N VAL B 241 6.82 -15.69 14.93
CA VAL B 241 8.26 -15.88 14.96
C VAL B 241 8.94 -14.58 15.34
N ALA B 242 9.95 -14.70 16.20
CA ALA B 242 10.83 -13.58 16.57
C ALA B 242 12.21 -13.86 16.00
N PHE B 243 12.85 -12.81 15.49
CA PHE B 243 14.08 -12.98 14.70
C PHE B 243 15.32 -12.76 15.57
N ILE B 244 15.43 -11.60 16.20
CA ILE B 244 16.62 -11.23 16.97
C ILE B 244 17.80 -11.13 16.03
N CYS B 245 18.28 -9.92 15.78
CA CYS B 245 19.36 -9.66 14.85
C CYS B 245 20.56 -9.10 15.59
N LYS B 246 21.75 -9.62 15.27
CA LYS B 246 23.00 -9.20 15.88
C LYS B 246 23.94 -8.71 14.79
N LEU B 247 24.57 -7.57 15.01
CA LEU B 247 25.51 -7.02 14.04
C LEU B 247 26.87 -7.69 14.16
N HIS B 248 27.73 -7.44 13.18
CA HIS B 248 29.05 -8.04 13.14
C HIS B 248 30.07 -7.14 13.85
N LEU B 249 31.29 -7.66 13.96
CA LEU B 249 32.36 -6.95 14.64
C LEU B 249 32.81 -5.74 13.83
N LYS B 250 32.83 -4.58 14.49
CA LYS B 250 33.28 -3.34 13.85
C LYS B 250 34.73 -3.11 14.25
N ARG B 251 35.65 -3.24 13.30
CA ARG B 251 37.07 -3.05 13.59
C ARG B 251 37.33 -1.62 14.03
N GLY B 252 38.13 -1.47 15.09
CA GLY B 252 38.44 -0.15 15.58
C GLY B 252 39.28 0.63 14.60
N ASN B 253 39.11 1.95 14.62
CA ASN B 253 39.88 2.82 13.75
C ASN B 253 41.34 2.87 14.19
N PHE B 254 42.22 3.16 13.23
CA PHE B 254 43.65 3.24 13.49
C PHE B 254 44.04 4.67 13.84
N LEU B 255 44.95 4.82 14.80
CA LEU B 255 45.43 6.13 15.23
C LEU B 255 46.57 6.54 14.32
N VAL B 256 46.23 7.15 13.18
CA VAL B 256 47.25 7.57 12.23
C VAL B 256 48.14 8.65 12.83
N LEU B 257 47.54 9.60 13.55
CA LEU B 257 48.32 10.68 14.13
C LEU B 257 49.33 10.15 15.15
N LYS B 258 48.92 9.18 15.97
CA LYS B 258 49.85 8.63 16.95
C LYS B 258 51.04 7.96 16.28
N ALA B 259 50.78 7.19 15.22
CA ALA B 259 51.88 6.55 14.50
C ALA B 259 52.79 7.59 13.86
N LYS B 260 52.20 8.63 13.27
CA LYS B 260 53.00 9.66 12.61
C LYS B 260 53.83 10.46 13.62
N GLU B 261 53.36 10.56 14.85
CA GLU B 261 54.06 11.36 15.86
C GLU B 261 55.45 10.81 16.16
N MET B 262 55.68 9.52 15.95
CA MET B 262 56.97 8.90 16.25
C MET B 262 57.84 8.66 15.03
N GLY B 263 57.25 8.51 13.85
CA GLY B 263 58.02 8.36 12.63
C GLY B 263 57.74 7.10 11.85
N LEU B 264 56.55 6.52 12.02
CA LEU B 264 56.17 5.37 11.22
C LEU B 264 55.92 5.80 9.77
N PRO B 265 56.08 4.88 8.81
CA PRO B 265 55.92 5.28 7.40
C PRO B 265 54.48 5.50 7.00
N VAL B 266 53.90 6.61 7.47
CA VAL B 266 52.52 6.94 7.12
C VAL B 266 52.48 7.51 5.71
N GLY B 267 51.41 7.20 4.99
CA GLY B 267 51.25 7.66 3.63
C GLY B 267 51.96 6.83 2.59
N THR B 268 52.44 5.65 2.94
CA THR B 268 53.16 4.77 2.02
C THR B 268 52.54 3.39 2.06
N ALA B 269 52.75 2.62 0.99
CA ALA B 269 52.20 1.27 0.91
C ALA B 269 52.66 0.38 2.05
N ALA B 270 53.83 0.67 2.63
CA ALA B 270 54.32 -0.14 3.74
C ALA B 270 53.41 -0.07 4.96
N ILE B 271 52.61 1.00 5.08
CA ILE B 271 51.71 1.13 6.23
C ILE B 271 50.60 0.09 6.16
N ALA B 272 50.19 -0.32 4.96
CA ALA B 272 49.06 -1.24 4.84
C ALA B 272 49.27 -2.53 5.61
N PRO B 273 50.37 -3.25 5.47
CA PRO B 273 50.56 -4.46 6.29
C PRO B 273 50.58 -4.15 7.79
N ILE B 274 51.13 -3.00 8.18
CA ILE B 274 51.19 -2.67 9.61
C ILE B 274 49.79 -2.50 10.17
N ILE B 275 48.95 -1.72 9.48
CA ILE B 275 47.59 -1.50 9.96
C ILE B 275 46.78 -2.80 9.89
N ALA B 276 47.03 -3.62 8.87
CA ALA B 276 46.33 -4.90 8.77
C ALA B 276 46.67 -5.80 9.96
N ALA B 277 47.95 -5.86 10.33
CA ALA B 277 48.35 -6.66 11.49
C ALA B 277 47.79 -6.08 12.77
N VAL B 278 47.80 -4.76 12.92
CA VAL B 278 47.30 -4.14 14.14
C VAL B 278 45.82 -4.42 14.32
N LYS B 279 45.05 -4.27 13.24
CA LYS B 279 43.61 -4.51 13.32
C LYS B 279 43.32 -5.97 13.62
N ASP B 280 44.09 -6.89 13.03
CA ASP B 280 43.86 -8.31 13.25
C ASP B 280 44.02 -8.67 14.73
N GLY B 281 45.06 -8.12 15.36
CA GLY B 281 45.32 -8.39 16.77
C GLY B 281 46.73 -8.86 17.04
N LYS B 282 47.55 -8.92 15.99
CA LYS B 282 48.92 -9.37 16.14
C LYS B 282 49.81 -8.19 16.55
N SER B 283 50.56 -8.38 17.63
CA SER B 283 51.46 -7.33 18.10
C SER B 283 52.55 -7.07 17.06
N ILE B 284 52.90 -5.79 16.89
CA ILE B 284 53.90 -5.38 15.91
C ILE B 284 55.08 -4.78 16.67
N THR B 285 56.28 -5.29 16.37
CA THR B 285 57.52 -4.80 16.97
C THR B 285 58.37 -4.18 15.87
N HIS B 286 58.77 -2.93 16.07
CA HIS B 286 59.58 -2.23 15.08
C HIS B 286 60.42 -1.18 15.79
N GLU B 287 61.53 -0.78 15.14
CA GLU B 287 62.44 0.22 15.67
C GLU B 287 63.00 -0.18 17.04
N GLY B 288 63.10 -1.49 17.28
CA GLY B 288 63.68 -1.99 18.51
C GLY B 288 62.75 -1.95 19.71
N ARG B 289 61.48 -1.58 19.52
CA ARG B 289 60.53 -1.51 20.62
C ARG B 289 59.21 -2.14 20.19
N GLU B 290 58.46 -2.63 21.16
CA GLU B 290 57.17 -3.27 20.91
C GLU B 290 56.08 -2.21 21.04
N ILE B 291 55.56 -1.76 19.90
CA ILE B 291 54.53 -0.72 19.90
C ILE B 291 53.25 -1.25 20.52
N LEU B 292 52.91 -2.51 20.24
CA LEU B 292 51.71 -3.13 20.76
C LEU B 292 50.47 -2.51 20.14
N ALA B 293 49.40 -3.31 19.99
CA ALA B 293 48.20 -2.83 19.31
C ALA B 293 47.44 -1.81 20.14
N GLU B 294 47.49 -1.93 21.47
CA GLU B 294 46.70 -1.03 22.32
C GLU B 294 47.09 0.44 22.10
N GLU B 295 48.32 0.70 21.68
CA GLU B 295 48.79 2.05 21.45
C GLU B 295 48.53 2.54 20.03
N LEU B 296 47.96 1.72 19.16
CA LEU B 296 47.71 2.08 17.78
C LEU B 296 46.25 1.98 17.36
N CYS B 297 45.41 1.30 18.13
CA CYS B 297 44.01 1.15 17.76
C CYS B 297 43.17 1.00 19.02
N THR B 298 41.88 1.29 18.87
CA THR B 298 40.94 1.17 19.98
C THR B 298 40.48 -0.27 20.12
N PRO B 299 40.00 -0.67 21.30
CA PRO B 299 39.55 -2.05 21.50
C PRO B 299 38.40 -2.39 20.57
N PRO B 300 38.32 -3.63 20.10
CA PRO B 300 37.24 -3.98 19.17
C PRO B 300 35.87 -3.88 19.81
N ASP B 301 34.88 -3.54 19.00
CA ASP B 301 33.50 -3.41 19.46
C ASP B 301 32.71 -4.62 19.00
N PRO B 302 32.26 -5.50 19.90
CA PRO B 302 31.52 -6.69 19.45
C PRO B 302 30.24 -6.38 18.70
N GLY B 303 29.63 -5.22 18.94
CA GLY B 303 28.42 -4.84 18.23
C GLY B 303 27.16 -5.08 19.03
N ALA B 304 26.12 -4.29 18.76
CA ALA B 304 24.86 -4.43 19.48
C ALA B 304 23.90 -5.34 18.70
N ALA B 305 22.69 -5.46 19.22
CA ALA B 305 21.66 -6.30 18.64
C ALA B 305 20.28 -5.72 18.95
N PHE B 306 19.30 -6.13 18.14
CA PHE B 306 17.92 -5.70 18.34
C PHE B 306 17.00 -6.90 18.11
N VAL B 307 15.82 -6.84 18.72
CA VAL B 307 14.86 -7.94 18.73
C VAL B 307 13.54 -7.43 18.17
N VAL B 308 12.92 -8.22 17.29
CA VAL B 308 11.61 -7.93 16.74
C VAL B 308 10.66 -9.03 17.19
N VAL B 309 9.58 -8.64 17.87
CA VAL B 309 8.60 -9.57 18.39
C VAL B 309 7.21 -8.97 18.23
N GLU B 310 6.23 -9.82 17.92
CA GLU B 310 4.85 -9.41 17.74
C GLU B 310 3.97 -10.25 18.65
N CYS B 311 3.08 -9.59 19.40
CA CYS B 311 2.15 -10.26 20.31
C CYS B 311 0.72 -9.84 19.94
N PRO B 312 0.05 -10.58 19.05
CA PRO B 312 -1.30 -10.15 18.62
C PRO B 312 -2.29 -10.02 19.76
N ASP B 313 -2.20 -10.89 20.77
CA ASP B 313 -3.14 -10.87 21.88
C ASP B 313 -2.48 -11.48 23.11
N GLU B 314 -3.23 -11.50 24.21
CA GLU B 314 -2.71 -12.03 25.46
C GLU B 314 -2.38 -13.52 25.37
N SER B 315 -2.95 -14.23 24.41
CA SER B 315 -2.70 -15.67 24.31
C SER B 315 -1.23 -15.95 24.07
N PHE B 316 -0.53 -15.04 23.39
CA PHE B 316 0.88 -15.23 23.08
C PHE B 316 1.81 -14.72 24.17
N ILE B 317 1.27 -14.14 25.25
CA ILE B 317 2.13 -13.60 26.30
C ILE B 317 2.86 -14.73 27.01
N GLN B 318 2.12 -15.77 27.40
CA GLN B 318 2.73 -16.87 28.16
C GLN B 318 3.77 -17.61 27.32
N PRO B 319 3.49 -18.00 26.06
CA PRO B 319 4.55 -18.63 25.26
C PRO B 319 5.80 -17.77 25.12
N ILE B 320 5.63 -16.45 24.97
CA ILE B 320 6.78 -15.56 24.87
C ILE B 320 7.56 -15.56 26.17
N CYS B 321 6.85 -15.51 27.30
CA CYS B 321 7.52 -15.49 28.60
C CYS B 321 8.32 -16.77 28.83
N GLU B 322 7.77 -17.91 28.43
CA GLU B 322 8.42 -19.20 28.64
C GLU B 322 9.50 -19.49 27.61
N ASN B 323 9.67 -18.65 26.60
CA ASN B 323 10.69 -18.89 25.58
C ASN B 323 12.06 -18.99 26.22
N ALA B 324 12.80 -20.04 25.85
CA ALA B 324 14.12 -20.25 26.44
C ALA B 324 15.16 -19.33 25.81
N THR B 325 15.04 -19.08 24.50
CA THR B 325 16.05 -18.29 23.81
C THR B 325 16.11 -16.86 24.36
N PHE B 326 14.95 -16.26 24.64
CA PHE B 326 14.92 -14.89 25.13
C PHE B 326 15.65 -14.76 26.47
N GLN B 327 15.73 -15.86 27.24
CA GLN B 327 16.36 -15.79 28.54
C GLN B 327 17.83 -15.40 28.44
N ARG B 328 18.54 -15.95 27.45
CA ARG B 328 19.97 -15.66 27.31
C ARG B 328 20.22 -14.18 27.09
N TYR B 329 19.43 -13.56 26.20
CA TYR B 329 19.58 -12.13 25.92
C TYR B 329 19.00 -11.25 27.01
N GLN B 330 18.11 -11.78 27.84
CA GLN B 330 17.52 -10.98 28.91
C GLN B 330 18.58 -10.61 29.93
N GLY B 331 18.52 -9.37 30.41
CA GLY B 331 19.47 -8.92 31.42
C GLY B 331 20.88 -8.92 30.87
N LYS B 332 21.84 -9.24 31.75
CA LYS B 332 23.23 -9.28 31.35
C LYS B 332 23.45 -10.35 30.28
N ALA B 333 24.20 -10.00 29.25
CA ALA B 333 24.50 -10.92 28.17
C ALA B 333 25.74 -10.45 27.43
N ASP B 334 26.35 -11.37 26.68
CA ASP B 334 27.54 -11.03 25.89
C ASP B 334 27.23 -10.03 24.78
N ALA B 335 26.02 -10.04 24.24
CA ALA B 335 25.63 -9.11 23.19
C ALA B 335 24.42 -8.30 23.65
N PRO B 336 24.60 -7.15 24.30
CA PRO B 336 23.45 -6.39 24.80
C PRO B 336 22.53 -5.98 23.65
N VAL B 337 21.22 -6.05 23.89
CA VAL B 337 20.22 -5.67 22.90
C VAL B 337 20.03 -4.16 23.02
N ALA B 338 20.27 -3.44 21.92
CA ALA B 338 20.14 -1.98 21.93
C ALA B 338 18.69 -1.54 21.84
N LEU B 339 17.86 -2.22 21.06
CA LEU B 339 16.48 -1.78 20.85
C LEU B 339 15.60 -2.99 20.59
N VAL B 340 14.34 -2.89 21.02
CA VAL B 340 13.36 -3.94 20.81
C VAL B 340 12.05 -3.29 20.38
N VAL B 341 11.38 -3.89 19.40
CA VAL B 341 10.12 -3.38 18.87
C VAL B 341 9.03 -4.38 19.21
N HIS B 342 7.93 -3.89 19.78
CA HIS B 342 6.78 -4.72 20.13
C HIS B 342 5.59 -4.29 19.29
N MET B 343 5.16 -5.17 18.38
CA MET B 343 3.99 -4.92 17.55
C MET B 343 2.75 -5.57 18.15
N ALA B 344 2.34 -5.04 19.29
CA ALA B 344 1.24 -5.58 20.07
C ALA B 344 0.23 -4.49 20.39
N PRO B 345 -1.03 -4.84 20.63
CA PRO B 345 -2.03 -3.82 20.95
C PRO B 345 -1.75 -3.17 22.30
N ALA B 346 -2.40 -2.02 22.52
CA ALA B 346 -2.19 -1.29 23.76
C ALA B 346 -2.59 -2.11 24.97
N SER B 347 -3.71 -2.83 24.89
CA SER B 347 -4.18 -3.60 26.03
C SER B 347 -3.15 -4.64 26.45
N VAL B 348 -2.53 -5.32 25.49
CA VAL B 348 -1.53 -6.34 25.82
C VAL B 348 -0.33 -5.69 26.49
N LEU B 349 0.04 -4.48 26.05
CA LEU B 349 1.22 -3.82 26.60
C LEU B 349 1.06 -3.56 28.09
N VAL B 350 -0.13 -3.13 28.52
CA VAL B 350 -0.37 -2.84 29.92
C VAL B 350 -0.42 -4.09 30.79
N ASP B 351 -0.42 -5.27 30.18
CA ASP B 351 -0.46 -6.50 30.95
C ASP B 351 0.73 -6.58 31.91
N SER B 352 0.46 -6.95 33.15
CA SER B 352 1.51 -7.00 34.16
C SER B 352 2.58 -8.03 33.80
N ARG B 353 2.15 -9.21 33.33
CA ARG B 353 3.11 -10.26 33.01
C ARG B 353 4.06 -9.83 31.89
N TYR B 354 3.52 -9.19 30.84
CA TYR B 354 4.35 -8.74 29.74
C TYR B 354 5.36 -7.71 30.20
N GLN B 355 4.91 -6.75 31.02
CA GLN B 355 5.83 -5.72 31.53
C GLN B 355 6.92 -6.35 32.38
N GLN B 356 6.55 -7.30 33.25
CA GLN B 356 7.53 -7.95 34.10
C GLN B 356 8.55 -8.72 33.28
N TRP B 357 8.08 -9.44 32.26
CA TRP B 357 9.00 -10.24 31.44
C TRP B 357 9.94 -9.34 30.64
N MET B 358 9.40 -8.30 30.00
CA MET B 358 10.23 -7.44 29.17
C MET B 358 11.10 -6.51 30.00
N GLU B 359 10.76 -6.31 31.28
CA GLU B 359 11.58 -5.46 32.13
C GLU B 359 12.96 -6.05 32.38
N ARG B 360 13.12 -7.36 32.18
CA ARG B 360 14.43 -7.98 32.39
C ARG B 360 15.45 -7.53 31.36
N PHE B 361 15.02 -6.87 30.28
CA PHE B 361 15.94 -6.44 29.25
C PHE B 361 16.95 -5.41 29.76
N GLY B 362 16.62 -4.68 30.84
CA GLY B 362 17.52 -3.75 31.43
C GLY B 362 17.21 -2.30 31.09
N PRO B 363 17.82 -1.36 31.82
CA PRO B 363 17.51 0.06 31.58
C PRO B 363 18.11 0.60 30.30
N ASP B 364 19.26 0.07 29.86
CA ASP B 364 19.89 0.54 28.64
C ASP B 364 19.12 0.16 27.39
N THR B 365 18.11 -0.70 27.51
CA THR B 365 17.38 -1.19 26.35
C THR B 365 16.27 -0.22 25.97
N GLN B 366 16.26 0.22 24.71
CA GLN B 366 15.21 1.09 24.22
C GLN B 366 14.03 0.25 23.74
N HIS B 367 12.83 0.77 23.97
CA HIS B 367 11.59 0.09 23.63
C HIS B 367 10.77 0.95 22.67
N LEU B 368 10.23 0.31 21.64
CA LEU B 368 9.40 0.96 20.64
C LEU B 368 8.13 0.15 20.46
N VAL B 369 6.99 0.85 20.41
CA VAL B 369 5.68 0.22 20.30
C VAL B 369 5.02 0.68 19.01
N LEU B 370 4.53 -0.29 18.24
CA LEU B 370 3.79 -0.04 17.00
C LEU B 370 2.39 -0.61 17.18
N ASN B 371 1.37 0.23 17.02
CA ASN B 371 -0.02 -0.19 17.21
C ASN B 371 -0.92 0.84 16.55
N GLU B 372 -2.23 0.69 16.75
CA GLU B 372 -3.19 1.60 16.14
C GLU B 372 -3.17 2.99 16.76
N ASN B 373 -2.44 3.18 17.86
CA ASN B 373 -2.40 4.46 18.56
C ASN B 373 -1.41 5.44 17.94
N CYS B 374 -1.01 5.21 16.68
CA CYS B 374 -0.09 6.13 16.03
C CYS B 374 -0.76 7.48 15.78
N ALA B 375 0.05 8.53 15.77
CA ALA B 375 -0.43 9.89 15.56
C ALA B 375 0.37 10.60 14.47
N SER B 376 0.55 9.94 13.33
CA SER B 376 1.33 10.47 12.22
C SER B 376 0.53 10.39 10.93
N VAL B 377 0.84 11.29 10.00
CA VAL B 377 0.22 11.32 8.68
C VAL B 377 1.26 10.90 7.65
N HIS B 378 0.86 10.02 6.73
CA HIS B 378 1.78 9.41 5.77
C HIS B 378 1.77 10.12 4.43
N ASN B 379 0.62 10.22 3.77
CA ASN B 379 0.54 10.75 2.41
C ASN B 379 0.29 12.25 2.47
N LEU B 380 1.36 13.03 2.35
CA LEU B 380 1.23 14.48 2.29
C LEU B 380 0.73 14.94 0.92
N ARG B 381 1.21 14.30 -0.15
CA ARG B 381 0.87 14.74 -1.50
C ARG B 381 -0.62 14.60 -1.76
N SER B 382 -1.21 13.47 -1.36
CA SER B 382 -2.64 13.27 -1.57
C SER B 382 -3.46 14.29 -0.79
N HIS B 383 -3.07 14.55 0.45
CA HIS B 383 -3.79 15.54 1.25
C HIS B 383 -3.69 16.92 0.62
N LYS B 384 -2.50 17.29 0.14
CA LYS B 384 -2.34 18.59 -0.50
C LYS B 384 -3.19 18.69 -1.76
N ILE B 385 -3.20 17.63 -2.57
CA ILE B 385 -3.99 17.64 -3.80
C ILE B 385 -5.47 17.80 -3.49
N GLN B 386 -5.95 17.03 -2.50
CA GLN B 386 -7.37 17.11 -2.16
C GLN B 386 -7.73 18.49 -1.60
N THR B 387 -6.85 19.06 -0.77
CA THR B 387 -7.12 20.39 -0.23
C THR B 387 -7.16 21.43 -1.35
N GLN B 388 -6.23 21.35 -2.28
CA GLN B 388 -6.23 22.29 -3.40
C GLN B 388 -7.48 22.14 -4.25
N LEU B 389 -7.90 20.89 -4.50
CA LEU B 389 -9.10 20.67 -5.30
C LEU B 389 -10.34 21.18 -4.59
N ASN B 390 -10.42 21.03 -3.26
CA ASN B 390 -11.60 21.49 -2.53
C ASN B 390 -11.82 22.98 -2.70
N LEU B 391 -10.75 23.75 -2.92
CA LEU B 391 -10.89 25.19 -3.07
C LEU B 391 -11.68 25.57 -4.31
N ILE B 392 -11.82 24.66 -5.27
CA ILE B 392 -12.52 24.99 -6.51
C ILE B 392 -14.02 24.81 -6.35
N HIS B 393 -14.44 23.65 -5.84
CA HIS B 393 -15.86 23.33 -5.71
C HIS B 393 -16.05 22.48 -4.46
N PRO B 394 -16.57 23.06 -3.38
CA PRO B 394 -16.91 22.24 -2.20
C PRO B 394 -18.09 21.33 -2.50
N ASP B 395 -18.17 20.25 -1.72
CA ASP B 395 -19.17 19.19 -1.83
C ASP B 395 -18.86 18.25 -2.99
N ILE B 396 -17.85 18.52 -3.80
CA ILE B 396 -17.41 17.59 -4.82
C ILE B 396 -16.03 17.00 -4.53
N PHE B 397 -15.19 17.70 -3.77
CA PHE B 397 -13.90 17.17 -3.32
C PHE B 397 -13.82 17.38 -1.80
N PRO B 398 -14.64 16.66 -1.04
CA PRO B 398 -14.72 16.92 0.40
C PRO B 398 -13.40 16.66 1.10
N LEU B 399 -13.19 17.40 2.19
CA LEU B 399 -11.97 17.24 2.97
C LEU B 399 -11.87 15.83 3.53
N LEU B 400 -10.65 15.33 3.65
CA LEU B 400 -10.44 13.97 4.11
C LEU B 400 -10.94 13.78 5.54
N THR B 401 -10.65 14.75 6.41
CA THR B 401 -10.98 14.63 7.83
C THR B 401 -10.37 13.36 8.42
N SER B 402 -9.05 13.28 8.35
CA SER B 402 -8.35 12.09 8.78
C SER B 402 -8.57 11.83 10.26
N PHE B 403 -8.68 10.55 10.61
CA PHE B 403 -8.84 10.16 12.00
C PHE B 403 -7.58 10.48 12.79
N ARG B 404 -7.77 10.77 14.08
CA ARG B 404 -6.68 11.12 14.98
C ARG B 404 -6.82 10.35 16.28
N CYS B 405 -5.69 10.12 16.94
CA CYS B 405 -5.69 9.39 18.20
C CYS B 405 -6.47 10.17 19.25
N LYS B 406 -7.21 9.45 20.09
CA LYS B 406 -8.03 10.05 21.13
C LYS B 406 -7.58 9.72 22.54
N LYS B 407 -6.64 8.79 22.72
CA LYS B 407 -6.17 8.38 24.03
C LYS B 407 -4.66 8.46 24.06
N GLU B 408 -4.12 9.11 25.09
CA GLU B 408 -2.67 9.20 25.27
C GLU B 408 -2.13 7.91 25.87
N GLY B 409 -0.94 7.52 25.43
CA GLY B 409 -0.31 6.31 25.90
C GLY B 409 -0.11 6.33 27.41
N PRO B 410 -0.57 5.29 28.12
CA PRO B 410 -0.42 5.29 29.57
C PRO B 410 1.03 5.19 29.99
N THR B 411 1.34 5.78 31.15
CA THR B 411 2.68 5.71 31.68
C THR B 411 3.01 4.28 32.10
N LEU B 412 4.26 3.89 31.90
CA LEU B 412 4.73 2.54 32.21
C LEU B 412 6.00 2.64 33.05
N SER B 413 6.62 1.48 33.29
CA SER B 413 7.82 1.43 34.13
C SER B 413 8.95 2.24 33.51
N VAL B 414 9.15 2.10 32.20
CA VAL B 414 10.23 2.79 31.50
C VAL B 414 9.62 3.70 30.44
N PRO B 415 10.20 4.87 30.17
CA PRO B 415 9.62 5.74 29.12
C PRO B 415 9.58 5.07 27.76
N MET B 416 8.52 5.33 27.00
CA MET B 416 8.35 4.74 25.68
C MET B 416 8.30 5.84 24.61
N VAL B 417 8.68 5.44 23.40
CA VAL B 417 8.63 6.31 22.23
C VAL B 417 7.57 5.77 21.28
N GLN B 418 6.60 6.59 20.94
CA GLN B 418 5.51 6.16 20.07
C GLN B 418 6.03 5.83 18.68
N GLY B 419 5.35 4.89 18.02
CA GLY B 419 5.74 4.47 16.69
C GLY B 419 5.96 5.63 15.73
N GLU B 420 4.92 6.41 15.49
CA GLU B 420 5.02 7.56 14.59
C GLU B 420 5.42 7.11 13.20
N CYS B 421 5.72 8.06 12.31
CA CYS B 421 6.11 7.75 10.94
C CYS B 421 7.48 8.34 10.66
N LEU B 422 8.28 7.61 9.86
CA LEU B 422 9.61 8.02 9.46
C LEU B 422 10.57 8.13 10.65
N LEU B 423 10.19 7.59 11.81
CA LEU B 423 11.08 7.58 12.96
C LEU B 423 12.22 6.59 12.70
N LYS B 424 13.45 7.05 12.93
CA LYS B 424 14.64 6.26 12.62
C LYS B 424 15.53 6.16 13.85
N TYR B 425 16.10 4.98 14.06
CA TYR B 425 17.04 4.73 15.15
C TYR B 425 18.40 4.43 14.53
N GLN B 426 19.44 5.06 15.06
CA GLN B 426 20.79 4.98 14.50
C GLN B 426 21.60 3.94 15.27
N LEU B 427 22.36 3.13 14.54
CA LEU B 427 23.24 2.14 15.12
C LEU B 427 24.62 2.21 14.49
N ARG B 428 25.63 1.80 15.27
CA ARG B 428 27.06 1.75 14.96
C ARG B 428 27.75 3.07 15.31
N PRO B 429 27.65 4.15 14.51
CA PRO B 429 28.35 5.37 14.91
C PRO B 429 27.94 5.89 16.27
N ARG B 430 26.65 6.15 16.47
CA ARG B 430 26.15 6.67 17.74
C ARG B 430 24.75 6.13 17.96
N ARG B 431 24.49 5.71 19.20
CA ARG B 431 23.17 5.20 19.57
C ARG B 431 22.31 6.36 20.04
N GLU B 432 21.43 6.84 19.17
CA GLU B 432 20.59 7.99 19.48
C GLU B 432 19.37 7.97 18.57
N TRP B 433 18.37 8.77 18.95
CA TRP B 433 17.14 8.88 18.17
C TRP B 433 17.16 10.16 17.34
N GLN B 434 16.82 10.02 16.06
CA GLN B 434 16.78 11.14 15.13
C GLN B 434 15.34 11.37 14.69
N ARG B 435 14.92 12.65 14.74
CA ARG B 435 13.55 13.02 14.37
C ARG B 435 13.56 14.20 13.39
N ASP B 436 14.51 14.22 12.46
CA ASP B 436 14.60 15.31 11.50
C ASP B 436 13.74 15.09 10.26
N ALA B 437 13.08 13.94 10.15
CA ALA B 437 12.25 13.64 8.98
C ALA B 437 10.83 13.22 9.36
N ILE B 438 10.23 13.87 10.36
CA ILE B 438 8.87 13.53 10.75
C ILE B 438 7.87 14.29 9.89
N ILE B 439 6.79 13.63 9.52
CA ILE B 439 5.78 14.20 8.63
C ILE B 439 4.67 14.79 9.46
N THR B 440 4.30 16.04 9.14
CA THR B 440 3.21 16.73 9.81
C THR B 440 2.31 17.36 8.74
N CYS B 441 1.02 17.50 9.07
CA CYS B 441 0.05 18.07 8.15
C CYS B 441 -0.10 19.56 8.43
N ASN B 442 0.19 20.38 7.42
CA ASN B 442 0.13 21.84 7.54
C ASN B 442 -0.66 22.38 6.35
N PRO B 443 -1.99 22.35 6.42
CA PRO B 443 -2.80 22.88 5.31
C PRO B 443 -2.55 24.35 5.02
N GLU B 444 -2.06 25.11 6.00
CA GLU B 444 -1.80 26.53 5.77
C GLU B 444 -0.75 26.72 4.68
N GLU B 445 0.30 25.88 4.69
CA GLU B 445 1.32 25.97 3.65
C GLU B 445 0.74 25.67 2.27
N PHE B 446 -0.12 24.67 2.18
CA PHE B 446 -0.76 24.34 0.91
C PHE B 446 -1.63 25.50 0.43
N ILE B 447 -2.38 26.12 1.35
CA ILE B 447 -3.21 27.26 0.98
C ILE B 447 -2.35 28.41 0.47
N VAL B 448 -1.24 28.68 1.17
CA VAL B 448 -0.36 29.76 0.75
C VAL B 448 0.23 29.49 -0.63
N GLU B 449 0.66 28.24 -0.87
CA GLU B 449 1.22 27.90 -2.17
C GLU B 449 0.17 28.02 -3.27
N ALA B 450 -1.06 27.62 -2.99
CA ALA B 450 -2.13 27.75 -3.96
C ALA B 450 -2.41 29.22 -4.27
N LEU B 451 -2.37 30.08 -3.25
CA LEU B 451 -2.61 31.50 -3.45
C LEU B 451 -1.57 32.13 -4.38
N GLN B 452 -0.38 31.53 -4.48
CA GLN B 452 0.70 32.06 -5.32
C GLN B 452 0.73 31.44 -6.70
N LEU B 453 -0.26 30.61 -7.05
CA LEU B 453 -0.26 29.96 -8.35
C LEU B 453 -0.43 31.00 -9.46
N PRO B 454 0.14 30.75 -10.64
CA PRO B 454 0.03 31.74 -11.73
C PRO B 454 -1.38 31.86 -12.27
N ASN B 455 -2.05 32.98 -12.00
CA ASN B 455 -3.38 33.31 -12.52
C ASN B 455 -4.46 32.36 -12.02
N PHE B 456 -4.13 31.45 -11.08
CA PHE B 456 -5.14 30.54 -10.57
C PHE B 456 -6.24 31.29 -9.80
N GLN B 457 -5.84 32.32 -9.04
CA GLN B 457 -6.82 33.08 -8.27
C GLN B 457 -7.82 33.77 -9.19
N GLN B 458 -7.35 34.34 -10.29
CA GLN B 458 -8.25 35.01 -11.22
C GLN B 458 -9.24 34.01 -11.84
N SER B 459 -8.75 32.83 -12.23
CA SER B 459 -9.63 31.82 -12.79
C SER B 459 -10.67 31.36 -11.77
N VAL B 460 -10.24 31.17 -10.52
CA VAL B 460 -11.18 30.74 -9.48
C VAL B 460 -12.24 31.81 -9.25
N GLN B 461 -11.82 33.08 -9.20
CA GLN B 461 -12.77 34.17 -9.00
C GLN B 461 -13.76 34.25 -10.16
N GLU B 462 -13.28 34.11 -11.39
CA GLU B 462 -14.17 34.15 -12.55
C GLU B 462 -15.16 32.99 -12.50
N TYR B 463 -14.68 31.80 -12.16
CA TYR B 463 -15.58 30.64 -12.08
C TYR B 463 -16.64 30.85 -10.99
N ARG B 464 -16.23 31.37 -9.83
CA ARG B 464 -17.20 31.63 -8.77
C ARG B 464 -18.22 32.68 -9.20
N ARG B 465 -17.77 33.74 -9.86
CA ARG B 465 -18.70 34.77 -10.34
C ARG B 465 -19.69 34.19 -11.33
N SER B 466 -19.21 33.35 -12.26
CA SER B 466 -20.11 32.72 -13.21
C SER B 466 -21.11 31.80 -12.51
N ALA B 467 -20.64 31.04 -11.52
CA ALA B 467 -21.53 30.12 -10.82
C ALA B 467 -22.61 30.86 -10.06
N GLN B 468 -22.26 31.95 -9.38
CA GLN B 468 -23.23 32.70 -8.58
C GLN B 468 -24.13 33.52 -9.49
N ARG B 477 -34.48 17.58 -9.22
CA ARG B 477 -33.62 16.48 -9.63
C ARG B 477 -33.29 15.58 -8.45
N SER B 478 -32.71 14.42 -8.73
CA SER B 478 -32.35 13.49 -7.67
C SER B 478 -31.37 14.13 -6.71
N GLN B 479 -31.55 13.85 -5.41
CA GLN B 479 -30.72 14.44 -4.37
C GLN B 479 -29.72 13.48 -3.75
N TYR B 480 -29.92 12.16 -3.90
CA TYR B 480 -28.99 11.20 -3.33
C TYR B 480 -28.60 10.10 -4.32
N PRO B 481 -28.22 10.44 -5.58
CA PRO B 481 -27.56 9.48 -6.47
C PRO B 481 -26.04 9.48 -6.30
N GLU B 482 -25.57 9.31 -5.07
CA GLU B 482 -24.17 9.50 -4.78
C GLU B 482 -23.31 8.54 -5.57
N ILE B 483 -22.28 9.07 -6.22
CA ILE B 483 -21.28 8.30 -6.94
C ILE B 483 -19.92 8.84 -6.54
N ILE B 484 -19.07 7.98 -5.96
CA ILE B 484 -17.75 8.37 -5.49
C ILE B 484 -16.71 7.46 -6.13
N PHE B 485 -15.65 8.05 -6.65
CA PHE B 485 -14.55 7.32 -7.27
C PHE B 485 -13.39 7.26 -6.27
N LEU B 486 -13.28 6.13 -5.57
CA LEU B 486 -12.21 5.98 -4.59
C LEU B 486 -10.84 6.02 -5.27
N GLY B 487 -10.71 5.39 -6.42
CA GLY B 487 -9.45 5.38 -7.14
C GLY B 487 -9.69 5.40 -8.64
N THR B 488 -8.72 5.94 -9.37
CA THR B 488 -8.81 6.02 -10.82
C THR B 488 -7.53 5.62 -11.53
N GLY B 489 -6.47 5.24 -10.81
CA GLY B 489 -5.23 4.86 -11.43
C GLY B 489 -5.22 3.43 -11.90
N SER B 490 -4.12 3.05 -12.55
CA SER B 490 -3.92 1.71 -13.05
C SER B 490 -3.14 0.88 -12.03
N ALA B 491 -2.72 -0.31 -12.43
CA ALA B 491 -1.96 -1.18 -11.54
C ALA B 491 -0.69 -0.48 -11.06
N ILE B 492 -0.05 -1.08 -10.06
CA ILE B 492 1.14 -0.50 -9.45
C ILE B 492 0.78 0.87 -8.90
N PRO B 493 -0.03 0.94 -7.83
CA PRO B 493 -0.47 2.25 -7.32
C PRO B 493 0.69 3.14 -6.90
N MET B 494 0.54 4.45 -7.11
CA MET B 494 1.58 5.42 -6.79
C MET B 494 1.00 6.48 -5.87
N LYS B 495 1.85 7.46 -5.52
CA LYS B 495 1.47 8.45 -4.52
C LYS B 495 0.27 9.27 -4.97
N ILE B 496 0.24 9.67 -6.25
CA ILE B 496 -0.78 10.59 -6.73
C ILE B 496 -2.17 9.96 -6.60
N ARG B 497 -2.30 8.70 -7.00
CA ARG B 497 -3.60 8.05 -6.98
C ARG B 497 -3.43 6.57 -6.73
N ASN B 498 -4.51 5.94 -6.28
CA ASN B 498 -4.55 4.51 -5.99
C ASN B 498 -5.18 3.77 -7.18
N VAL B 499 -5.04 2.44 -7.19
CA VAL B 499 -5.62 1.67 -8.28
C VAL B 499 -7.12 1.95 -8.40
N SER B 500 -7.66 1.69 -9.59
CA SER B 500 -9.04 2.03 -9.88
C SER B 500 -9.98 1.39 -8.86
N ALA B 501 -10.89 2.20 -8.32
CA ALA B 501 -11.88 1.73 -7.36
C ALA B 501 -13.00 2.76 -7.21
N THR B 502 -14.24 2.34 -7.42
CA THR B 502 -15.38 3.25 -7.37
C THR B 502 -16.50 2.62 -6.54
N LEU B 503 -17.18 3.45 -5.77
CA LEU B 503 -18.32 3.02 -4.97
C LEU B 503 -19.48 3.98 -5.19
N VAL B 504 -20.69 3.44 -5.10
CA VAL B 504 -21.91 4.21 -5.31
C VAL B 504 -22.82 4.01 -4.10
N ASN B 505 -23.30 5.12 -3.53
CA ASN B 505 -24.23 5.09 -2.41
C ASN B 505 -25.62 5.43 -2.95
N ILE B 506 -26.29 4.42 -3.48
CA ILE B 506 -27.61 4.62 -4.07
C ILE B 506 -28.61 5.04 -3.00
N SER B 507 -28.57 4.41 -1.84
CA SER B 507 -29.47 4.71 -0.73
C SER B 507 -28.66 4.77 0.56
N PRO B 508 -29.18 5.45 1.58
CA PRO B 508 -28.43 5.51 2.85
C PRO B 508 -28.13 4.13 3.44
N ASP B 509 -29.07 3.18 3.31
CA ASP B 509 -28.91 1.86 3.91
C ASP B 509 -28.34 0.82 2.95
N THR B 510 -28.14 1.17 1.68
CA THR B 510 -27.64 0.22 0.70
C THR B 510 -26.56 0.89 -0.15
N SER B 511 -25.59 0.09 -0.59
CA SER B 511 -24.50 0.59 -1.42
C SER B 511 -23.93 -0.57 -2.22
N LEU B 512 -23.24 -0.23 -3.30
CA LEU B 512 -22.60 -1.21 -4.17
C LEU B 512 -21.13 -0.85 -4.30
N LEU B 513 -20.25 -1.77 -3.94
CA LEU B 513 -18.81 -1.53 -3.95
C LEU B 513 -18.23 -1.54 -5.35
N LEU B 514 -18.82 -2.26 -6.29
CA LEU B 514 -18.30 -2.35 -7.65
C LEU B 514 -16.84 -2.82 -7.57
N ASP B 515 -15.99 -2.33 -8.47
CA ASP B 515 -14.59 -2.72 -8.45
C ASP B 515 -13.93 -2.29 -7.16
N CYS B 516 -13.05 -3.16 -6.65
CA CYS B 516 -12.30 -2.88 -5.41
C CYS B 516 -10.89 -3.40 -5.60
N GLY B 517 -9.93 -2.49 -5.72
CA GLY B 517 -8.55 -2.86 -5.92
C GLY B 517 -7.84 -3.14 -4.61
N GLU B 518 -6.50 -3.11 -4.67
CA GLU B 518 -5.67 -3.38 -3.50
C GLU B 518 -6.07 -2.47 -2.35
N GLY B 519 -6.54 -3.08 -1.26
CA GLY B 519 -6.95 -2.31 -0.09
C GLY B 519 -8.20 -1.48 -0.33
N THR B 520 -8.02 -0.17 -0.43
CA THR B 520 -9.06 0.85 -0.59
C THR B 520 -9.79 1.13 0.72
N PHE B 521 -9.56 0.34 1.78
CA PHE B 521 -10.13 0.70 3.08
C PHE B 521 -9.42 1.91 3.65
N GLY B 522 -8.13 2.05 3.37
CA GLY B 522 -7.44 3.28 3.73
C GLY B 522 -8.03 4.49 3.05
N GLN B 523 -8.37 4.35 1.75
CA GLN B 523 -9.04 5.43 1.04
C GLN B 523 -10.40 5.73 1.65
N LEU B 524 -11.16 4.69 1.99
CA LEU B 524 -12.47 4.90 2.60
C LEU B 524 -12.34 5.64 3.93
N CYS B 525 -11.36 5.24 4.76
CA CYS B 525 -11.15 5.92 6.03
C CYS B 525 -10.72 7.37 5.84
N ARG B 526 -9.82 7.61 4.88
CA ARG B 526 -9.38 8.98 4.62
C ARG B 526 -10.52 9.83 4.09
N HIS B 527 -11.48 9.22 3.39
CA HIS B 527 -12.60 9.97 2.83
C HIS B 527 -13.66 10.26 3.90
N TYR B 528 -14.23 9.22 4.49
CA TYR B 528 -15.31 9.36 5.45
C TYR B 528 -14.83 9.50 6.89
N GLY B 529 -13.53 9.34 7.14
CA GLY B 529 -13.04 9.49 8.49
C GLY B 529 -13.70 8.50 9.44
N ASP B 530 -14.17 9.02 10.58
CA ASP B 530 -14.79 8.18 11.60
C ASP B 530 -16.15 7.62 11.17
N GLN B 531 -16.71 8.10 10.06
CA GLN B 531 -18.02 7.67 9.60
C GLN B 531 -17.96 6.39 8.78
N VAL B 532 -16.78 5.81 8.57
CA VAL B 532 -16.67 4.59 7.78
C VAL B 532 -17.38 3.44 8.49
N ASP B 533 -17.34 3.42 9.82
CA ASP B 533 -17.95 2.31 10.57
C ASP B 533 -19.41 2.14 10.19
N ARG B 534 -20.17 3.23 10.20
CA ARG B 534 -21.57 3.17 9.79
C ARG B 534 -21.69 2.84 8.30
N VAL B 535 -20.85 3.46 7.46
CA VAL B 535 -20.95 3.24 6.03
C VAL B 535 -20.60 1.80 5.68
N LEU B 536 -19.56 1.25 6.30
CA LEU B 536 -19.15 -0.11 5.97
C LEU B 536 -20.25 -1.12 6.25
N GLY B 537 -21.14 -0.82 7.20
CA GLY B 537 -22.22 -1.73 7.53
C GLY B 537 -23.34 -1.73 6.50
N THR B 538 -23.35 -0.77 5.58
CA THR B 538 -24.37 -0.69 4.56
C THR B 538 -23.97 -1.38 3.26
N LEU B 539 -22.77 -1.95 3.19
CA LEU B 539 -22.34 -2.63 1.97
C LEU B 539 -23.27 -3.81 1.68
N ALA B 540 -23.65 -3.94 0.41
CA ALA B 540 -24.58 -4.97 -0.03
C ALA B 540 -23.92 -6.00 -0.94
N ALA B 541 -23.14 -5.56 -1.93
CA ALA B 541 -22.53 -6.48 -2.88
C ALA B 541 -21.26 -5.86 -3.43
N VAL B 542 -20.44 -6.69 -4.07
CA VAL B 542 -19.19 -6.26 -4.68
C VAL B 542 -19.02 -7.00 -6.01
N PHE B 543 -18.50 -6.29 -7.00
CA PHE B 543 -18.29 -6.84 -8.33
C PHE B 543 -16.86 -6.59 -8.76
N VAL B 544 -16.20 -7.63 -9.26
CA VAL B 544 -14.83 -7.53 -9.77
C VAL B 544 -14.88 -7.51 -11.30
N SER B 545 -13.97 -6.74 -11.91
CA SER B 545 -14.01 -6.54 -13.35
C SER B 545 -13.52 -7.78 -14.09
N HIS B 546 -12.26 -8.17 -13.87
CA HIS B 546 -11.66 -9.28 -14.59
C HIS B 546 -10.56 -9.89 -13.72
N LEU B 547 -9.78 -10.79 -14.32
CA LEU B 547 -8.80 -11.57 -13.57
C LEU B 547 -7.64 -10.73 -13.04
N HIS B 548 -7.43 -9.53 -13.57
CA HIS B 548 -6.29 -8.73 -13.15
C HIS B 548 -6.29 -8.50 -11.65
N ALA B 549 -5.12 -8.60 -11.04
CA ALA B 549 -5.02 -8.52 -9.59
C ALA B 549 -5.40 -7.15 -9.06
N ASP B 550 -5.09 -6.08 -9.80
CA ASP B 550 -5.33 -4.73 -9.30
C ASP B 550 -6.79 -4.42 -9.09
N HIS B 551 -7.70 -5.25 -9.61
CA HIS B 551 -9.13 -5.02 -9.45
C HIS B 551 -9.79 -5.92 -8.41
N HIS B 552 -9.12 -6.99 -7.98
CA HIS B 552 -9.73 -7.92 -7.04
C HIS B 552 -8.77 -8.42 -5.95
N THR B 553 -7.55 -7.89 -5.89
CA THR B 553 -6.59 -8.41 -4.92
C THR B 553 -6.92 -7.96 -3.50
N GLY B 554 -7.56 -6.81 -3.34
CA GLY B 554 -7.83 -6.23 -2.04
C GLY B 554 -9.12 -6.68 -1.39
N LEU B 555 -9.82 -7.67 -1.94
CA LEU B 555 -11.09 -8.09 -1.38
C LEU B 555 -10.97 -8.57 0.07
N PRO B 556 -9.96 -9.37 0.45
CA PRO B 556 -9.92 -9.84 1.85
C PRO B 556 -9.85 -8.72 2.87
N SER B 557 -9.14 -7.63 2.56
CA SER B 557 -9.04 -6.53 3.51
C SER B 557 -10.41 -5.90 3.77
N ILE B 558 -11.12 -5.59 2.68
CA ILE B 558 -12.45 -4.98 2.84
C ILE B 558 -13.40 -5.95 3.51
N LEU B 559 -13.27 -7.25 3.22
CA LEU B 559 -14.10 -8.25 3.87
C LEU B 559 -13.89 -8.24 5.37
N LEU B 560 -12.62 -8.30 5.81
CA LEU B 560 -12.33 -8.32 7.24
C LEU B 560 -12.78 -7.03 7.90
N GLN B 561 -12.56 -5.89 7.25
CA GLN B 561 -12.96 -4.61 7.85
C GLN B 561 -14.47 -4.51 7.97
N ARG B 562 -15.20 -4.97 6.95
CA ARG B 562 -16.67 -4.97 7.02
C ARG B 562 -17.14 -5.88 8.14
N GLU B 563 -16.53 -7.06 8.28
CA GLU B 563 -16.91 -7.97 9.36
C GLU B 563 -16.67 -7.32 10.72
N ARG B 564 -15.52 -6.66 10.89
CA ARG B 564 -15.23 -6.01 12.16
C ARG B 564 -16.23 -4.89 12.44
N ALA B 565 -16.55 -4.08 11.42
CA ALA B 565 -17.52 -3.00 11.61
C ALA B 565 -18.89 -3.56 11.99
N LEU B 566 -19.32 -4.63 11.31
CA LEU B 566 -20.60 -5.23 11.62
C LEU B 566 -20.63 -5.78 13.04
N ALA B 567 -19.55 -6.44 13.46
CA ALA B 567 -19.50 -6.98 14.81
C ALA B 567 -19.43 -5.87 15.86
N SER B 568 -18.88 -4.71 15.50
CA SER B 568 -18.76 -3.62 16.47
C SER B 568 -20.14 -3.15 16.94
N LEU B 569 -21.09 -3.03 16.01
CA LEU B 569 -22.43 -2.54 16.33
C LEU B 569 -23.36 -3.65 16.83
N GLY B 570 -22.92 -4.90 16.81
CA GLY B 570 -23.74 -6.00 17.27
C GLY B 570 -24.72 -6.53 16.26
N LYS B 571 -24.75 -5.98 15.04
CA LYS B 571 -25.67 -6.46 14.03
C LYS B 571 -25.31 -7.90 13.65
N PRO B 572 -26.30 -8.75 13.38
CA PRO B 572 -25.98 -10.12 12.96
C PRO B 572 -25.14 -10.13 11.69
N LEU B 573 -24.65 -11.31 11.34
CA LEU B 573 -23.76 -11.49 10.20
C LEU B 573 -24.58 -11.81 8.96
N HIS B 574 -24.51 -10.91 7.97
CA HIS B 574 -25.16 -11.14 6.68
C HIS B 574 -24.07 -11.43 5.64
N PRO B 575 -24.04 -12.61 5.03
CA PRO B 575 -22.97 -12.90 4.07
C PRO B 575 -22.99 -11.92 2.91
N LEU B 576 -21.79 -11.55 2.45
CA LEU B 576 -21.65 -10.61 1.35
C LEU B 576 -21.80 -11.32 0.02
N LEU B 577 -22.38 -10.61 -0.95
CA LEU B 577 -22.59 -11.12 -2.30
C LEU B 577 -21.48 -10.58 -3.20
N VAL B 578 -20.75 -11.49 -3.85
CA VAL B 578 -19.66 -11.12 -4.74
C VAL B 578 -19.97 -11.69 -6.13
N VAL B 579 -19.93 -10.83 -7.14
CA VAL B 579 -20.19 -11.21 -8.52
C VAL B 579 -18.84 -11.22 -9.22
N ALA B 580 -18.20 -12.39 -9.28
CA ALA B 580 -16.91 -12.56 -9.89
C ALA B 580 -16.93 -13.79 -10.79
N PRO B 581 -16.05 -13.84 -11.80
CA PRO B 581 -15.98 -15.04 -12.64
C PRO B 581 -15.53 -16.25 -11.84
N ASN B 582 -15.56 -17.41 -12.50
CA ASN B 582 -15.13 -18.64 -11.85
C ASN B 582 -13.67 -18.60 -11.44
N GLN B 583 -12.87 -17.74 -12.06
CA GLN B 583 -11.45 -17.66 -11.72
C GLN B 583 -11.25 -17.21 -10.27
N LEU B 584 -12.06 -16.24 -9.81
CA LEU B 584 -11.89 -15.72 -8.46
C LEU B 584 -12.13 -16.79 -7.42
N LYS B 585 -13.15 -17.64 -7.63
CA LYS B 585 -13.44 -18.69 -6.67
C LYS B 585 -12.27 -19.64 -6.50
N ALA B 586 -11.52 -19.91 -7.58
CA ALA B 586 -10.37 -20.79 -7.47
C ALA B 586 -9.32 -20.21 -6.52
N TRP B 587 -9.01 -18.92 -6.67
CA TRP B 587 -8.05 -18.30 -5.76
C TRP B 587 -8.56 -18.30 -4.32
N LEU B 588 -9.86 -18.01 -4.13
CA LEU B 588 -10.42 -17.98 -2.80
C LEU B 588 -10.35 -19.35 -2.13
N GLN B 589 -10.66 -20.42 -2.88
CA GLN B 589 -10.62 -21.75 -2.29
C GLN B 589 -9.19 -22.20 -2.06
N GLN B 590 -8.26 -21.82 -2.93
CA GLN B 590 -6.85 -22.12 -2.69
C GLN B 590 -6.36 -21.44 -1.43
N TYR B 591 -6.73 -20.17 -1.24
CA TYR B 591 -6.45 -19.48 0.00
C TYR B 591 -7.49 -19.84 1.06
N HIS B 592 -7.25 -19.40 2.29
CA HIS B 592 -8.20 -19.57 3.39
C HIS B 592 -8.26 -21.01 3.89
N ASN B 593 -7.56 -21.93 3.20
CA ASN B 593 -7.56 -23.33 3.61
C ASN B 593 -6.49 -23.64 4.64
N GLN B 594 -5.55 -22.71 4.87
CA GLN B 594 -4.46 -22.92 5.81
C GLN B 594 -4.21 -21.74 6.74
N CYS B 595 -4.79 -20.57 6.46
CA CYS B 595 -4.46 -19.35 7.17
C CYS B 595 -5.63 -18.84 8.00
N GLN B 596 -6.79 -18.60 7.40
CA GLN B 596 -7.89 -17.91 8.06
C GLN B 596 -9.19 -18.70 8.10
N GLU B 597 -9.54 -19.39 7.01
CA GLU B 597 -10.80 -20.13 6.94
C GLU B 597 -11.98 -19.18 7.13
N VAL B 598 -12.12 -18.24 6.18
CA VAL B 598 -13.13 -17.19 6.27
C VAL B 598 -14.09 -17.29 5.08
N LEU B 599 -14.33 -18.51 4.60
CA LEU B 599 -15.21 -18.71 3.45
C LEU B 599 -16.67 -18.39 3.74
N HIS B 600 -17.05 -18.21 5.01
CA HIS B 600 -18.45 -17.99 5.36
C HIS B 600 -18.92 -16.57 5.11
N HIS B 601 -18.02 -15.65 4.75
CA HIS B 601 -18.36 -14.26 4.58
C HIS B 601 -18.62 -13.86 3.14
N ILE B 602 -18.58 -14.80 2.19
CA ILE B 602 -18.73 -14.50 0.77
C ILE B 602 -19.65 -15.52 0.13
N SER B 603 -20.53 -15.04 -0.74
CA SER B 603 -21.39 -15.88 -1.57
C SER B 603 -21.16 -15.49 -3.03
N MET B 604 -20.80 -16.47 -3.85
CA MET B 604 -20.40 -16.23 -5.23
C MET B 604 -21.62 -16.25 -6.15
N ILE B 605 -21.64 -15.31 -7.09
CA ILE B 605 -22.68 -15.26 -8.12
C ILE B 605 -21.99 -15.09 -9.48
N PRO B 606 -21.86 -16.15 -10.28
CA PRO B 606 -21.14 -16.01 -11.55
C PRO B 606 -21.79 -14.94 -12.43
N ALA B 607 -20.93 -14.18 -13.12
CA ALA B 607 -21.42 -13.12 -13.99
C ALA B 607 -21.98 -13.66 -15.30
N LYS B 608 -21.63 -14.90 -15.67
CA LYS B 608 -22.14 -15.46 -16.92
C LYS B 608 -23.65 -15.59 -16.89
N CYS B 609 -24.22 -16.02 -15.76
CA CYS B 609 -25.66 -16.14 -15.65
C CYS B 609 -26.37 -14.79 -15.73
N LEU B 610 -25.67 -13.71 -15.42
CA LEU B 610 -26.24 -12.36 -15.48
C LEU B 610 -26.13 -11.74 -16.86
N GLN B 611 -25.46 -12.40 -17.81
CA GLN B 611 -25.32 -11.85 -19.15
C GLN B 611 -26.67 -11.76 -19.84
N GLU B 612 -26.82 -10.76 -20.70
CA GLU B 612 -28.06 -10.58 -21.43
C GLU B 612 -28.37 -11.82 -22.25
N GLY B 613 -29.60 -12.30 -22.14
CA GLY B 613 -30.01 -13.51 -22.84
C GLY B 613 -29.51 -14.80 -22.23
N ALA B 614 -28.85 -14.73 -21.08
CA ALA B 614 -28.32 -15.92 -20.43
C ALA B 614 -29.42 -16.67 -19.68
N GLU B 615 -29.12 -17.90 -19.29
CA GLU B 615 -30.03 -18.75 -18.55
C GLU B 615 -29.36 -19.23 -17.26
N ILE B 616 -30.16 -19.38 -16.22
CA ILE B 616 -29.64 -19.83 -14.93
C ILE B 616 -29.21 -21.29 -15.05
N SER B 617 -27.96 -21.57 -14.72
CA SER B 617 -27.39 -22.90 -14.85
C SER B 617 -27.38 -23.69 -13.55
N SER B 618 -27.87 -23.11 -12.45
CA SER B 618 -27.84 -23.79 -11.17
C SER B 618 -28.86 -23.12 -10.25
N PRO B 619 -29.47 -23.87 -9.33
CA PRO B 619 -30.42 -23.25 -8.39
C PRO B 619 -29.74 -22.31 -7.41
N ALA B 620 -28.42 -22.34 -7.30
CA ALA B 620 -27.74 -21.42 -6.38
C ALA B 620 -27.99 -19.97 -6.76
N VAL B 621 -27.90 -19.66 -8.06
CA VAL B 621 -28.20 -18.30 -8.52
C VAL B 621 -29.68 -17.99 -8.35
N GLU B 622 -30.53 -19.02 -8.34
CA GLU B 622 -31.96 -18.80 -8.15
C GLU B 622 -32.22 -18.31 -6.74
N ARG B 623 -32.97 -17.20 -6.65
CA ARG B 623 -33.25 -16.48 -5.40
C ARG B 623 -32.02 -15.70 -4.94
N LEU B 624 -30.85 -15.97 -5.53
CA LEU B 624 -29.66 -15.19 -5.23
C LEU B 624 -29.68 -13.90 -6.04
N ILE B 625 -29.99 -14.00 -7.33
CA ILE B 625 -30.22 -12.79 -8.12
C ILE B 625 -31.39 -12.01 -7.52
N SER B 626 -32.39 -12.71 -6.98
CA SER B 626 -33.52 -12.04 -6.34
C SER B 626 -33.07 -11.26 -5.11
N SER B 627 -32.25 -11.88 -4.26
CA SER B 627 -31.72 -11.18 -3.09
C SER B 627 -30.89 -9.97 -3.52
N LEU B 628 -30.08 -10.12 -4.56
CA LEU B 628 -29.34 -8.97 -5.08
C LEU B 628 -30.29 -7.86 -5.51
N LEU B 629 -31.37 -8.22 -6.22
CA LEU B 629 -32.40 -7.27 -6.60
C LEU B 629 -33.31 -6.97 -5.41
N ARG B 630 -34.24 -6.05 -5.63
CA ARG B 630 -35.23 -5.63 -4.62
C ARG B 630 -34.58 -5.29 -3.29
N THR B 631 -33.28 -5.00 -3.29
CA THR B 631 -32.57 -4.58 -2.09
C THR B 631 -31.78 -3.30 -2.37
N CYS B 632 -31.35 -3.14 -3.62
CA CYS B 632 -30.63 -1.96 -4.06
C CYS B 632 -31.52 -0.99 -4.85
N ASP B 633 -32.84 -1.19 -4.81
CA ASP B 633 -33.77 -0.36 -5.57
C ASP B 633 -33.41 -0.38 -7.06
N LEU B 634 -33.12 -1.58 -7.57
CA LEU B 634 -32.73 -1.78 -8.95
C LEU B 634 -33.76 -2.66 -9.66
N GLU B 635 -33.96 -2.41 -10.95
CA GLU B 635 -34.88 -3.17 -11.78
C GLU B 635 -34.06 -3.93 -12.81
N GLU B 636 -33.76 -5.20 -12.51
CA GLU B 636 -33.01 -6.07 -13.41
C GLU B 636 -31.55 -5.65 -13.48
N PHE B 637 -30.66 -6.63 -13.53
CA PHE B 637 -29.23 -6.37 -13.66
C PHE B 637 -28.67 -7.28 -14.75
N GLN B 638 -27.90 -6.70 -15.66
CA GLN B 638 -27.36 -7.41 -16.81
C GLN B 638 -25.88 -7.10 -16.97
N THR B 639 -25.17 -8.05 -17.60
CA THR B 639 -23.76 -7.92 -17.89
C THR B 639 -23.51 -8.36 -19.33
N CYS B 640 -22.26 -8.21 -19.78
CA CYS B 640 -21.89 -8.63 -21.13
C CYS B 640 -20.38 -8.67 -21.22
N LEU B 641 -19.89 -9.48 -22.16
CA LEU B 641 -18.46 -9.61 -22.37
C LEU B 641 -17.90 -8.34 -23.02
N VAL B 642 -16.60 -8.12 -22.81
CA VAL B 642 -15.90 -6.98 -23.37
C VAL B 642 -14.64 -7.47 -24.07
N ARG B 643 -14.14 -6.64 -24.98
CA ARG B 643 -12.97 -6.99 -25.79
C ARG B 643 -11.68 -6.57 -25.10
N HIS B 644 -11.47 -7.14 -23.91
CA HIS B 644 -10.27 -6.91 -23.12
C HIS B 644 -9.41 -8.15 -22.97
N CYS B 645 -9.99 -9.24 -22.46
CA CYS B 645 -9.26 -10.49 -22.27
C CYS B 645 -10.28 -11.56 -21.89
N LYS B 646 -9.79 -12.76 -21.61
CA LYS B 646 -10.66 -13.85 -21.21
C LYS B 646 -11.33 -13.54 -19.88
N HIS B 647 -12.63 -13.84 -19.79
CA HIS B 647 -13.41 -13.64 -18.58
C HIS B 647 -13.38 -12.17 -18.16
N ALA B 648 -13.81 -11.31 -19.07
CA ALA B 648 -13.97 -9.88 -18.83
C ALA B 648 -15.42 -9.49 -19.06
N PHE B 649 -16.04 -8.86 -18.06
CA PHE B 649 -17.45 -8.52 -18.12
C PHE B 649 -17.67 -7.12 -17.59
N GLY B 650 -18.74 -6.49 -18.06
CA GLY B 650 -19.19 -5.21 -17.55
C GLY B 650 -20.49 -5.35 -16.79
N CYS B 651 -20.94 -4.23 -16.21
CA CYS B 651 -22.16 -4.20 -15.42
C CYS B 651 -23.01 -3.02 -15.83
N ALA B 652 -24.32 -3.23 -15.85
CA ALA B 652 -25.30 -2.19 -16.12
C ALA B 652 -26.35 -2.21 -15.02
N LEU B 653 -26.60 -1.06 -14.41
CA LEU B 653 -27.53 -0.94 -13.29
C LEU B 653 -28.62 0.07 -13.65
N VAL B 654 -29.87 -0.31 -13.38
CA VAL B 654 -31.02 0.56 -13.63
C VAL B 654 -31.79 0.69 -12.34
N HIS B 655 -32.03 1.94 -11.91
CA HIS B 655 -32.77 2.19 -10.69
C HIS B 655 -34.27 2.05 -10.93
N THR B 656 -35.01 1.86 -9.83
CA THR B 656 -36.45 1.70 -9.93
C THR B 656 -37.12 2.95 -10.51
N SER B 657 -36.50 4.11 -10.33
CA SER B 657 -37.05 5.37 -10.82
C SER B 657 -36.77 5.60 -12.30
N GLY B 658 -36.01 4.72 -12.95
CA GLY B 658 -35.71 4.86 -14.36
C GLY B 658 -34.34 5.41 -14.67
N TRP B 659 -33.49 5.65 -13.67
CA TRP B 659 -32.13 6.13 -13.89
C TRP B 659 -31.22 4.94 -14.15
N LYS B 660 -30.49 4.97 -15.25
CA LYS B 660 -29.66 3.86 -15.69
C LYS B 660 -28.20 4.30 -15.75
N VAL B 661 -27.31 3.48 -15.19
CA VAL B 661 -25.87 3.71 -15.21
C VAL B 661 -25.18 2.43 -15.64
N VAL B 662 -24.18 2.55 -16.50
CA VAL B 662 -23.45 1.41 -17.05
C VAL B 662 -21.96 1.61 -16.80
N TYR B 663 -21.30 0.56 -16.34
CA TYR B 663 -19.85 0.56 -16.12
C TYR B 663 -19.23 -0.50 -17.01
N SER B 664 -18.20 -0.11 -17.76
CA SER B 664 -17.53 -1.00 -18.69
C SER B 664 -16.17 -1.46 -18.19
N GLY B 665 -15.32 -0.52 -17.76
CA GLY B 665 -13.99 -0.86 -17.29
C GLY B 665 -12.93 -0.67 -18.36
N ASP B 666 -11.96 -1.57 -18.42
CA ASP B 666 -10.88 -1.52 -19.39
C ASP B 666 -11.17 -2.49 -20.53
N THR B 667 -11.28 -1.95 -21.74
CA THR B 667 -11.55 -2.77 -22.92
C THR B 667 -11.53 -1.88 -24.15
N MET B 668 -11.39 -2.50 -25.32
CA MET B 668 -11.50 -1.78 -26.57
C MET B 668 -12.95 -1.39 -26.82
N PRO B 669 -13.19 -0.41 -27.70
CA PRO B 669 -14.58 -0.05 -28.03
C PRO B 669 -15.39 -1.27 -28.45
N CYS B 670 -16.39 -1.63 -27.64
CA CYS B 670 -17.16 -2.84 -27.85
C CYS B 670 -18.51 -2.49 -28.46
N GLU B 671 -18.82 -3.09 -29.60
CA GLU B 671 -20.13 -2.89 -30.22
C GLU B 671 -21.23 -3.53 -29.39
N ALA B 672 -20.94 -4.63 -28.71
CA ALA B 672 -21.95 -5.28 -27.88
C ALA B 672 -22.39 -4.36 -26.75
N LEU B 673 -21.46 -3.58 -26.19
CA LEU B 673 -21.83 -2.63 -25.14
C LEU B 673 -22.84 -1.63 -25.66
N VAL B 674 -22.65 -1.15 -26.89
CA VAL B 674 -23.63 -0.27 -27.51
C VAL B 674 -24.90 -1.06 -27.80
N ARG B 675 -26.04 -0.36 -27.76
CA ARG B 675 -27.38 -0.93 -27.92
C ARG B 675 -27.86 -1.65 -26.67
N MET B 676 -27.03 -1.77 -25.63
CA MET B 676 -27.44 -2.36 -24.37
C MET B 676 -27.50 -1.34 -23.24
N GLY B 677 -26.61 -0.35 -23.24
CA GLY B 677 -26.62 0.71 -22.25
C GLY B 677 -27.32 1.94 -22.74
N LYS B 678 -28.18 1.79 -23.74
CA LYS B 678 -28.86 2.93 -24.34
C LYS B 678 -29.70 3.66 -23.31
N ASP B 679 -29.77 4.99 -23.47
CA ASP B 679 -30.50 5.87 -22.56
C ASP B 679 -29.93 5.86 -21.15
N ALA B 680 -28.66 5.50 -21.00
CA ALA B 680 -28.01 5.50 -19.70
C ALA B 680 -27.68 6.93 -19.30
N THR B 681 -28.05 7.29 -18.05
CA THR B 681 -27.78 8.64 -17.58
C THR B 681 -26.29 8.94 -17.53
N LEU B 682 -25.49 7.99 -17.04
CA LEU B 682 -24.05 8.15 -16.95
C LEU B 682 -23.38 6.83 -17.33
N LEU B 683 -22.18 6.94 -17.90
CA LEU B 683 -21.40 5.79 -18.31
C LEU B 683 -19.97 5.96 -17.82
N ILE B 684 -19.32 4.83 -17.55
CA ILE B 684 -17.93 4.81 -17.08
C ILE B 684 -17.11 4.00 -18.08
N HIS B 685 -16.04 4.59 -18.58
CA HIS B 685 -15.14 3.95 -19.53
C HIS B 685 -13.71 4.12 -19.06
N GLU B 686 -12.77 3.72 -19.91
CA GLU B 686 -11.34 3.80 -19.60
C GLU B 686 -10.66 4.80 -20.52
N ALA B 687 -9.73 5.56 -19.96
CA ALA B 687 -8.93 6.53 -20.69
C ALA B 687 -7.46 6.37 -20.35
N THR B 688 -6.99 5.12 -20.37
CA THR B 688 -5.60 4.85 -20.01
C THR B 688 -4.63 5.64 -20.88
N LEU B 689 -4.66 5.39 -22.19
CA LEU B 689 -3.76 6.06 -23.12
C LEU B 689 -4.44 7.31 -23.69
N GLU B 690 -3.69 8.06 -24.50
CA GLU B 690 -4.15 9.32 -25.06
C GLU B 690 -3.98 9.28 -26.58
N ASP B 691 -4.41 10.36 -27.23
CA ASP B 691 -4.30 10.45 -28.68
C ASP B 691 -2.85 10.39 -29.12
N GLY B 692 -2.62 9.81 -30.28
CA GLY B 692 -1.28 9.62 -30.81
C GLY B 692 -0.62 8.32 -30.44
N LEU B 693 -1.26 7.50 -29.61
CA LEU B 693 -0.74 6.20 -29.20
C LEU B 693 -1.71 5.09 -29.59
N GLU B 694 -2.28 5.18 -30.80
CA GLU B 694 -3.22 4.17 -31.26
C GLU B 694 -2.55 2.81 -31.37
N GLU B 695 -1.30 2.77 -31.84
CA GLU B 695 -0.59 1.50 -31.92
C GLU B 695 -0.42 0.88 -30.54
N GLU B 696 -0.02 1.69 -29.56
CA GLU B 696 0.08 1.19 -28.19
C GLU B 696 -1.29 0.82 -27.64
N ALA B 697 -2.33 1.58 -27.99
CA ALA B 697 -3.67 1.28 -27.51
C ALA B 697 -4.13 -0.09 -27.97
N VAL B 698 -3.95 -0.39 -29.26
CA VAL B 698 -4.34 -1.70 -29.76
C VAL B 698 -3.42 -2.78 -29.21
N GLU B 699 -2.13 -2.48 -29.09
CA GLU B 699 -1.20 -3.45 -28.52
C GLU B 699 -1.51 -3.71 -27.05
N LYS B 700 -1.80 -2.64 -26.29
CA LYS B 700 -2.09 -2.77 -24.87
C LYS B 700 -3.56 -3.07 -24.59
N THR B 701 -4.41 -3.12 -25.62
CA THR B 701 -5.83 -3.41 -25.45
C THR B 701 -6.50 -2.38 -24.54
N HIS B 702 -6.39 -1.13 -24.95
CA HIS B 702 -7.02 -0.01 -24.24
C HIS B 702 -7.77 0.85 -25.25
N SER B 703 -8.95 1.31 -24.85
CA SER B 703 -9.77 2.12 -25.75
C SER B 703 -9.07 3.41 -26.13
N THR B 704 -8.53 4.11 -25.12
CA THR B 704 -7.88 5.43 -25.20
C THR B 704 -8.95 6.51 -25.14
N THR B 705 -8.53 7.77 -24.93
CA THR B 705 -9.49 8.84 -24.73
C THR B 705 -10.30 9.11 -26.00
N SER B 706 -9.64 9.10 -27.17
CA SER B 706 -10.33 9.46 -28.40
C SER B 706 -11.43 8.47 -28.73
N GLN B 707 -11.12 7.17 -28.70
CA GLN B 707 -12.13 6.16 -29.01
C GLN B 707 -13.24 6.15 -27.96
N ALA B 708 -12.87 6.36 -26.69
CA ALA B 708 -13.87 6.41 -25.63
C ALA B 708 -14.85 7.56 -25.87
N ILE B 709 -14.33 8.74 -26.23
CA ILE B 709 -15.21 9.87 -26.49
C ILE B 709 -16.04 9.62 -27.75
N SER B 710 -15.45 8.96 -28.75
CA SER B 710 -16.19 8.64 -29.95
C SER B 710 -17.40 7.78 -29.62
N VAL B 711 -17.18 6.65 -28.94
CA VAL B 711 -18.31 5.82 -28.55
C VAL B 711 -19.25 6.62 -27.65
N GLY B 712 -18.70 7.57 -26.89
CA GLY B 712 -19.54 8.40 -26.04
C GLY B 712 -20.58 9.18 -26.82
N MET B 713 -20.17 9.86 -27.89
CA MET B 713 -21.18 10.53 -28.71
C MET B 713 -22.06 9.53 -29.43
N ARG B 714 -21.50 8.39 -29.84
CA ARG B 714 -22.31 7.36 -30.46
C ARG B 714 -23.02 6.44 -29.46
N MET B 715 -22.81 6.63 -28.16
CA MET B 715 -23.49 5.81 -27.16
C MET B 715 -24.81 6.45 -26.73
N ASN B 716 -25.01 7.75 -27.00
CA ASN B 716 -26.18 8.52 -26.63
C ASN B 716 -26.24 8.83 -25.14
N ALA B 717 -25.32 8.28 -24.33
CA ALA B 717 -25.34 8.51 -22.90
C ALA B 717 -25.23 10.00 -22.59
N GLU B 718 -26.02 10.44 -21.61
CA GLU B 718 -26.05 11.85 -21.26
C GLU B 718 -24.69 12.33 -20.75
N PHE B 719 -24.03 11.53 -19.92
CA PHE B 719 -22.75 11.90 -19.33
C PHE B 719 -21.73 10.80 -19.60
N ILE B 720 -20.52 11.22 -19.96
CA ILE B 720 -19.41 10.31 -20.23
C ILE B 720 -18.32 10.60 -19.21
N MET B 721 -17.89 9.55 -18.50
CA MET B 721 -16.88 9.68 -17.45
C MET B 721 -15.78 8.66 -17.70
N LEU B 722 -14.53 9.12 -17.68
CA LEU B 722 -13.38 8.25 -17.88
C LEU B 722 -12.91 7.65 -16.56
N ASN B 723 -12.00 6.69 -16.66
CA ASN B 723 -11.47 6.02 -15.49
C ASN B 723 -10.21 5.27 -15.90
N HIS B 724 -9.53 4.71 -14.89
CA HIS B 724 -8.33 3.91 -15.10
C HIS B 724 -7.26 4.69 -15.87
N PHE B 725 -6.93 5.86 -15.33
CA PHE B 725 -5.92 6.71 -15.95
C PHE B 725 -4.55 6.05 -15.89
N SER B 726 -3.78 6.23 -16.94
CA SER B 726 -2.44 5.63 -17.01
C SER B 726 -1.50 6.31 -16.01
N GLN B 727 -0.50 5.55 -15.58
CA GLN B 727 0.49 6.09 -14.65
C GLN B 727 1.31 7.22 -15.28
N ARG B 728 1.44 7.24 -16.60
CA ARG B 728 2.18 8.30 -17.28
C ARG B 728 1.44 9.63 -17.28
N TYR B 729 0.12 9.61 -17.14
CA TYR B 729 -0.70 10.81 -17.10
C TYR B 729 -1.58 10.81 -15.85
N ALA B 730 -1.06 10.26 -14.76
CA ALA B 730 -1.84 10.18 -13.54
C ALA B 730 -2.17 11.57 -12.98
N LYS B 731 -1.22 12.51 -13.08
CA LYS B 731 -1.45 13.84 -12.55
C LYS B 731 -2.69 14.47 -13.16
N VAL B 732 -2.77 14.48 -14.49
CA VAL B 732 -3.94 14.99 -15.19
C VAL B 732 -3.82 14.63 -16.67
N PRO B 733 -4.89 14.16 -17.32
CA PRO B 733 -4.83 13.94 -18.76
C PRO B 733 -5.09 15.22 -19.54
N LEU B 734 -4.42 15.33 -20.70
CA LEU B 734 -4.60 16.49 -21.55
C LEU B 734 -6.05 16.60 -22.01
N PHE B 735 -6.60 17.80 -21.92
CA PHE B 735 -7.99 18.05 -22.32
C PHE B 735 -8.02 18.29 -23.82
N SER B 736 -8.41 17.27 -24.57
CA SER B 736 -8.45 17.38 -26.02
C SER B 736 -9.59 18.28 -26.47
N PRO B 737 -9.52 18.83 -27.68
CA PRO B 737 -10.63 19.68 -28.16
C PRO B 737 -11.96 18.95 -28.26
N ASN B 738 -11.96 17.61 -28.31
CA ASN B 738 -13.20 16.85 -28.42
C ASN B 738 -14.07 16.96 -27.17
N PHE B 739 -13.54 17.49 -26.07
CA PHE B 739 -14.33 17.60 -24.85
C PHE B 739 -15.58 18.43 -25.10
N SER B 740 -16.70 17.99 -24.52
CA SER B 740 -17.98 18.66 -24.66
C SER B 740 -18.65 18.69 -23.29
N GLU B 741 -19.92 19.09 -23.27
CA GLU B 741 -20.65 19.18 -22.02
C GLU B 741 -20.91 17.82 -21.39
N LYS B 742 -20.80 16.74 -22.17
CA LYS B 742 -21.10 15.39 -21.68
C LYS B 742 -19.88 14.65 -21.17
N VAL B 743 -18.72 15.29 -21.12
CA VAL B 743 -17.49 14.65 -20.68
C VAL B 743 -17.09 15.24 -19.32
N GLY B 744 -16.07 14.64 -18.72
CA GLY B 744 -15.58 15.08 -17.43
C GLY B 744 -14.23 14.46 -17.13
N VAL B 745 -13.71 14.80 -15.95
CA VAL B 745 -12.42 14.32 -15.47
C VAL B 745 -12.64 13.63 -14.14
N ALA B 746 -12.10 12.42 -14.00
CA ALA B 746 -12.24 11.62 -12.80
C ALA B 746 -10.99 11.78 -11.94
N PHE B 747 -11.19 12.01 -10.65
CA PHE B 747 -10.10 12.18 -9.70
C PHE B 747 -10.39 11.38 -8.44
N ASP B 748 -9.33 11.05 -7.71
CA ASP B 748 -9.47 10.27 -6.49
C ASP B 748 -10.34 11.01 -5.48
N HIS B 749 -11.19 10.26 -4.78
CA HIS B 749 -12.10 10.80 -3.78
C HIS B 749 -13.09 11.80 -4.37
N MET B 750 -13.33 11.72 -5.68
CA MET B 750 -14.28 12.62 -6.31
C MET B 750 -15.71 12.23 -5.93
N LYS B 751 -16.55 13.23 -5.75
CA LYS B 751 -17.96 13.03 -5.42
C LYS B 751 -18.81 13.85 -6.38
N VAL B 752 -19.73 13.17 -7.07
CA VAL B 752 -20.55 13.80 -8.10
C VAL B 752 -22.00 13.41 -7.89
N CYS B 753 -22.90 14.38 -8.07
CA CYS B 753 -24.33 14.16 -7.98
C CYS B 753 -24.97 14.43 -9.34
N PHE B 754 -26.19 13.91 -9.52
CA PHE B 754 -26.90 14.13 -10.77
C PHE B 754 -27.21 15.61 -10.99
N GLY B 755 -27.32 16.38 -9.92
CA GLY B 755 -27.58 17.80 -10.03
C GLY B 755 -26.38 18.64 -10.40
N ASP B 756 -25.19 18.05 -10.44
CA ASP B 756 -23.98 18.77 -10.82
C ASP B 756 -23.75 18.77 -12.32
N PHE B 757 -24.60 18.12 -13.09
CA PHE B 757 -24.41 18.10 -14.55
C PHE B 757 -24.35 19.48 -15.15
N PRO B 758 -25.19 20.46 -14.78
CA PRO B 758 -25.08 21.79 -15.37
C PRO B 758 -24.07 22.68 -14.68
N THR B 759 -23.19 22.08 -13.87
CA THR B 759 -22.24 22.82 -13.05
C THR B 759 -20.78 22.52 -13.34
N MET B 760 -20.45 21.31 -13.79
CA MET B 760 -19.05 20.94 -13.97
C MET B 760 -18.36 21.61 -15.16
N PRO B 761 -19.05 22.06 -16.23
CA PRO B 761 -18.30 22.54 -17.39
C PRO B 761 -17.35 23.68 -17.08
N LYS B 762 -17.67 24.53 -16.12
CA LYS B 762 -16.82 25.67 -15.78
C LYS B 762 -15.58 25.25 -15.01
N LEU B 763 -15.49 24.01 -14.54
CA LEU B 763 -14.34 23.57 -13.77
C LEU B 763 -13.11 23.31 -14.64
N ILE B 764 -13.29 23.11 -15.95
CA ILE B 764 -12.15 22.81 -16.81
C ILE B 764 -11.08 23.90 -16.76
N PRO B 765 -11.42 25.18 -16.89
CA PRO B 765 -10.37 26.22 -16.85
C PRO B 765 -9.56 26.17 -15.57
N PRO B 766 -10.20 26.24 -14.40
CA PRO B 766 -9.41 26.20 -13.16
C PRO B 766 -8.60 24.91 -13.00
N LEU B 767 -9.16 23.76 -13.40
CA LEU B 767 -8.42 22.51 -13.28
C LEU B 767 -7.18 22.52 -14.17
N LYS B 768 -7.31 23.00 -15.41
CA LYS B 768 -6.15 23.09 -16.29
C LYS B 768 -5.14 24.09 -15.75
N ALA B 769 -5.61 25.20 -15.16
CA ALA B 769 -4.70 26.18 -14.61
C ALA B 769 -3.91 25.61 -13.42
N LEU B 770 -4.56 24.80 -12.59
CA LEU B 770 -3.88 24.25 -11.42
C LEU B 770 -2.70 23.39 -11.84
N PHE B 771 -2.86 22.55 -12.86
CA PHE B 771 -1.81 21.68 -13.35
C PHE B 771 -1.14 22.36 -14.53
N ALA B 772 -0.17 23.23 -14.23
CA ALA B 772 0.59 23.94 -15.27
C ALA B 772 1.95 23.30 -15.51
N GLY B 773 2.78 23.18 -14.47
CA GLY B 773 4.09 22.58 -14.65
C GLY B 773 4.01 21.14 -15.08
N ASP B 774 3.14 20.36 -14.44
CA ASP B 774 3.02 18.95 -14.80
C ASP B 774 2.52 18.79 -16.24
N ILE B 775 1.52 19.59 -16.62
CA ILE B 775 0.97 19.48 -17.97
C ILE B 775 2.02 19.87 -19.00
N GLU B 776 2.79 20.92 -18.71
CA GLU B 776 3.88 21.30 -19.62
C GLU B 776 4.90 20.19 -19.72
N GLU B 777 5.21 19.53 -18.61
CA GLU B 777 6.17 18.44 -18.62
C GLU B 777 5.67 17.30 -19.53
N MET B 778 4.42 16.88 -19.36
CA MET B 778 3.93 15.79 -20.19
C MET B 778 3.89 16.20 -21.66
N GLU B 779 3.47 17.44 -21.95
CA GLU B 779 3.42 17.89 -23.32
C GLU B 779 4.80 17.87 -23.96
N GLU B 780 5.83 18.28 -23.21
CA GLU B 780 7.18 18.32 -23.76
C GLU B 780 7.78 16.93 -23.87
N ARG B 781 7.37 15.99 -23.01
CA ARG B 781 8.00 14.68 -22.95
C ARG B 781 7.32 13.65 -23.86
N ARG B 782 6.02 13.42 -23.65
CA ARG B 782 5.36 12.27 -24.25
C ARG B 782 5.04 12.50 -25.72
N GLU B 783 4.39 13.61 -26.04
CA GLU B 783 3.87 13.81 -27.39
C GLU B 783 5.01 13.86 -28.42
N LYS B 784 5.99 14.71 -28.17
CA LYS B 784 7.09 14.85 -29.13
C LYS B 784 7.87 13.55 -29.26
N ARG B 785 8.15 12.89 -28.13
CA ARG B 785 8.92 11.65 -28.17
C ARG B 785 8.18 10.57 -28.96
N GLU B 786 6.87 10.42 -28.71
CA GLU B 786 6.12 9.38 -29.42
C GLU B 786 6.01 9.72 -30.90
N LEU B 787 5.82 11.00 -31.24
CA LEU B 787 5.76 11.38 -32.64
C LEU B 787 7.08 11.08 -33.34
N ARG B 788 8.20 11.40 -32.70
CA ARG B 788 9.51 11.12 -33.29
C ARG B 788 9.72 9.62 -33.45
N GLN B 789 9.33 8.84 -32.45
CA GLN B 789 9.48 7.38 -32.54
C GLN B 789 8.64 6.82 -33.68
N VAL B 790 7.40 7.29 -33.82
CA VAL B 790 6.55 6.82 -34.90
C VAL B 790 7.14 7.18 -36.25
N ARG B 791 7.63 8.43 -36.39
CA ARG B 791 8.24 8.84 -37.65
C ARG B 791 9.46 7.99 -37.98
N ALA B 792 10.31 7.73 -36.99
CA ALA B 792 11.48 6.90 -37.22
C ALA B 792 11.08 5.48 -37.63
N ALA B 793 10.09 4.91 -36.96
CA ALA B 793 9.63 3.56 -37.27
C ALA B 793 8.62 3.58 -38.41
#